data_5RAY
#
_entry.id   5RAY
#
_cell.length_a   57.860
_cell.length_b   93.620
_cell.length_c   93.661
_cell.angle_alpha   90.000
_cell.angle_beta   108.060
_cell.angle_gamma   90.000
#
_symmetry.space_group_name_H-M   'P 1 21 1'
#
loop_
_entity.id
_entity.type
_entity.pdbx_description
1 polymer 'Lysine-specific demethylase 3B'
2 non-polymer 2,4-difluoro-6-[(3S)-pyrazolidin-3-yl]phenol
3 non-polymer 'CHLORIDE ION'
4 non-polymer 'MANGANESE (II) ION'
5 water water
#
_entity_poly.entity_id   1
_entity_poly.type   'polypeptide(L)'
_entity_poly.pdbx_seq_one_letter_code
;MHHHHHHSSGVDLGTENLYFQSMTSHSWLCDGRLLCLHDPSNKNNWKIFRECWKQGQPVLVSGVHKKLKSELWKPEAFSQ
EFGDQDVDLVNCRNCAIISDVKVRDFWDGFEIICKRLRSEDGQPMVLKLKDWPPGEDFRDMMPTRFEDLMENLPLPEYTK
RDGRLNLASRLPSYFVRPDLGPKMYNAYGLITAEDRRVGTTNLHLDVSDAVNVMVYVGIPIGEGAHDEEVLKTIDEGDAD
EVTKERIHDHKEKPGALWHIYAAKDAEKIRELLRKVGEEQGQENPPDHDPIHDQSWYLDQTLRKRLYEEYGVQGWAIVQF
LGDAVFIPAGAPHQVHNLYSCIKVAEDFVSPEHVKHCFRLTQEFRHLSNTHT
;
_entity_poly.pdbx_strand_id   A,B
#
# COMPACT_ATOMS: atom_id res chain seq x y z
N SER A 22 26.94 -28.98 31.76
CA SER A 22 27.54 -27.70 32.24
C SER A 22 26.61 -26.51 31.93
N MET A 23 25.35 -26.76 31.57
CA MET A 23 24.41 -25.70 31.11
C MET A 23 23.27 -25.50 32.14
N THR A 24 22.88 -24.24 32.36
CA THR A 24 21.63 -23.81 33.06
C THR A 24 20.51 -23.57 32.04
N SER A 25 19.28 -23.41 32.53
CA SER A 25 18.08 -23.12 31.71
C SER A 25 18.25 -21.73 31.04
N HIS A 26 18.83 -20.75 31.72
CA HIS A 26 18.83 -19.33 31.29
C HIS A 26 19.81 -18.47 32.08
N SER A 27 19.94 -17.21 31.64
CA SER A 27 20.74 -16.15 32.27
C SER A 27 20.15 -14.81 31.84
N TRP A 28 20.75 -13.71 32.32
CA TRP A 28 20.27 -12.33 32.07
C TRP A 28 21.38 -11.53 31.36
N LEU A 29 20.97 -10.72 30.40
CA LEU A 29 21.80 -9.68 29.77
C LEU A 29 21.19 -8.30 30.05
N CYS A 30 21.81 -7.25 29.53
CA CYS A 30 21.31 -5.86 29.72
C CYS A 30 21.04 -5.62 31.22
N ASP A 31 21.97 -6.04 32.09
CA ASP A 31 21.87 -5.81 33.57
C ASP A 31 20.57 -6.35 34.18
N GLY A 32 20.08 -7.53 33.77
CA GLY A 32 18.82 -8.13 34.27
C GLY A 32 17.59 -7.83 33.45
N ARG A 33 17.70 -6.97 32.42
CA ARG A 33 16.52 -6.49 31.68
C ARG A 33 16.22 -7.40 30.47
N LEU A 34 17.13 -8.30 30.11
CA LEU A 34 16.95 -9.17 28.89
C LEU A 34 17.08 -10.66 29.28
N LEU A 35 16.03 -11.47 29.11
CA LEU A 35 16.10 -12.95 29.25
C LEU A 35 16.97 -13.55 28.14
N CYS A 36 17.95 -14.39 28.49
N CYS A 36 17.87 -14.46 28.51
CA CYS A 36 18.72 -15.26 27.56
CA CYS A 36 18.69 -15.29 27.60
C CYS A 36 18.46 -16.74 27.87
C CYS A 36 18.44 -16.77 27.89
N LEU A 37 17.69 -17.42 27.00
CA LEU A 37 17.40 -18.88 27.11
C LEU A 37 18.56 -19.65 26.50
N HIS A 38 19.01 -20.78 27.10
CA HIS A 38 20.26 -21.48 26.66
C HIS A 38 20.01 -22.70 25.77
N ASP A 39 18.88 -23.33 25.89
CA ASP A 39 18.55 -24.60 25.20
C ASP A 39 17.38 -24.32 24.26
N PRO A 40 17.61 -24.19 22.94
CA PRO A 40 16.53 -23.80 22.02
C PRO A 40 15.36 -24.78 21.91
N SER A 41 15.52 -26.04 22.29
CA SER A 41 14.50 -27.11 22.11
C SER A 41 13.95 -27.58 23.45
N ASN A 42 14.24 -26.89 24.57
CA ASN A 42 13.71 -27.28 25.89
C ASN A 42 12.20 -27.05 25.93
N LYS A 43 11.42 -28.12 26.15
CA LYS A 43 9.93 -28.08 26.12
C LYS A 43 9.36 -27.17 27.21
N ASN A 44 10.14 -26.78 28.23
CA ASN A 44 9.66 -25.90 29.34
C ASN A 44 10.07 -24.42 29.16
N ASN A 45 10.60 -24.03 28.02
CA ASN A 45 11.04 -22.61 27.77
C ASN A 45 9.88 -21.62 27.93
N TRP A 46 8.67 -21.99 27.52
CA TRP A 46 7.48 -21.10 27.55
C TRP A 46 7.24 -20.57 28.96
N LYS A 47 7.56 -21.36 30.00
CA LYS A 47 7.27 -20.99 31.42
C LYS A 47 8.10 -19.77 31.86
N ILE A 48 9.33 -19.64 31.38
CA ILE A 48 10.27 -18.50 31.61
C ILE A 48 9.99 -17.35 30.62
N PHE A 49 9.73 -17.67 29.38
CA PHE A 49 9.49 -16.74 28.25
C PHE A 49 8.25 -15.88 28.45
N ARG A 50 7.16 -16.52 28.88
N ARG A 50 7.14 -16.48 28.83
CA ARG A 50 5.80 -15.95 28.76
CA ARG A 50 5.82 -15.81 28.66
C ARG A 50 5.67 -14.67 29.61
C ARG A 50 5.71 -14.60 29.59
N GLU A 51 6.29 -14.62 30.79
CA GLU A 51 6.20 -13.40 31.65
C GLU A 51 6.99 -12.21 31.08
N CYS A 52 8.22 -12.44 30.57
CA CYS A 52 9.04 -11.38 29.96
C CYS A 52 8.31 -10.82 28.72
N TRP A 53 7.77 -11.72 27.93
CA TRP A 53 7.07 -11.39 26.66
C TRP A 53 5.80 -10.58 26.92
N LYS A 54 5.06 -10.91 27.98
CA LYS A 54 3.79 -10.21 28.27
C LYS A 54 4.11 -8.77 28.64
N GLN A 55 5.30 -8.50 29.21
CA GLN A 55 5.75 -7.15 29.62
C GLN A 55 6.30 -6.36 28.43
N GLY A 56 6.37 -6.91 27.24
CA GLY A 56 6.76 -6.10 26.07
C GLY A 56 8.27 -6.14 25.86
N GLN A 57 8.99 -7.04 26.55
CA GLN A 57 10.47 -7.12 26.38
C GLN A 57 10.85 -7.99 25.20
N PRO A 58 11.99 -7.68 24.53
CA PRO A 58 12.63 -8.63 23.64
C PRO A 58 13.21 -9.80 24.46
N VAL A 59 13.57 -10.89 23.78
CA VAL A 59 14.16 -12.12 24.39
C VAL A 59 15.22 -12.66 23.42
N LEU A 60 16.30 -13.21 23.98
CA LEU A 60 17.38 -13.86 23.19
C LEU A 60 17.36 -15.37 23.47
N VAL A 61 17.53 -16.20 22.43
CA VAL A 61 17.72 -17.66 22.62
C VAL A 61 19.03 -18.08 21.93
N SER A 62 19.98 -18.64 22.67
CA SER A 62 21.30 -18.99 22.08
C SER A 62 21.30 -20.47 21.63
N GLY A 63 22.22 -20.84 20.71
CA GLY A 63 22.51 -22.23 20.37
C GLY A 63 21.76 -22.81 19.19
N VAL A 64 20.97 -22.05 18.43
CA VAL A 64 20.13 -22.58 17.33
C VAL A 64 21.05 -23.16 16.20
N HIS A 65 22.25 -22.60 16.01
CA HIS A 65 23.22 -23.09 14.99
C HIS A 65 23.54 -24.58 15.21
N LYS A 66 23.63 -25.02 16.47
CA LYS A 66 23.96 -26.45 16.79
C LYS A 66 22.80 -27.37 16.35
N LYS A 67 21.61 -26.84 16.08
CA LYS A 67 20.43 -27.64 15.69
C LYS A 67 20.32 -27.76 14.15
N LEU A 68 21.03 -26.93 13.39
CA LEU A 68 20.84 -26.78 11.93
C LEU A 68 21.89 -27.62 11.18
N LYS A 69 21.65 -27.86 9.91
CA LYS A 69 22.61 -28.51 8.98
C LYS A 69 23.53 -27.41 8.41
N SER A 70 24.73 -27.27 8.96
CA SER A 70 25.65 -26.13 8.73
C SER A 70 25.98 -25.99 7.23
N GLU A 71 25.99 -27.07 6.46
CA GLU A 71 26.34 -27.01 5.01
C GLU A 71 25.24 -26.31 4.17
N LEU A 72 23.98 -26.20 4.64
CA LEU A 72 22.89 -25.51 3.92
C LEU A 72 23.00 -23.99 4.06
N TRP A 73 23.85 -23.45 4.95
CA TRP A 73 23.80 -22.01 5.32
C TRP A 73 25.12 -21.33 4.97
N LYS A 74 25.89 -21.86 4.01
CA LYS A 74 27.20 -21.26 3.60
C LYS A 74 27.02 -20.34 2.40
N PRO A 75 27.74 -19.21 2.35
CA PRO A 75 27.66 -18.33 1.20
C PRO A 75 28.09 -19.00 -0.14
N GLU A 76 29.09 -19.88 -0.12
CA GLU A 76 29.57 -20.59 -1.35
C GLU A 76 28.44 -21.47 -1.93
N ALA A 77 27.60 -22.08 -1.09
CA ALA A 77 26.49 -22.93 -1.57
C ALA A 77 25.40 -22.05 -2.21
N PHE A 78 25.07 -20.88 -1.65
CA PHE A 78 24.08 -19.95 -2.24
C PHE A 78 24.60 -19.48 -3.62
N SER A 79 25.88 -19.17 -3.73
CA SER A 79 26.46 -18.70 -5.02
C SER A 79 26.37 -19.81 -6.09
N GLN A 80 26.73 -21.05 -5.75
CA GLN A 80 26.75 -22.21 -6.67
C GLN A 80 25.32 -22.49 -7.15
N GLU A 81 24.33 -22.50 -6.24
CA GLU A 81 22.96 -22.96 -6.58
C GLU A 81 22.11 -21.86 -7.25
N PHE A 82 22.31 -20.59 -6.91
CA PHE A 82 21.38 -19.50 -7.27
C PHE A 82 22.10 -18.36 -7.97
N GLY A 83 23.41 -18.51 -8.23
CA GLY A 83 24.28 -17.39 -8.62
C GLY A 83 23.86 -16.66 -9.89
N ASP A 84 23.07 -17.30 -10.78
CA ASP A 84 22.64 -16.69 -12.08
C ASP A 84 21.35 -15.87 -11.98
N GLN A 85 20.70 -15.80 -10.81
CA GLN A 85 19.52 -14.93 -10.61
C GLN A 85 19.86 -13.45 -10.64
N ASP A 86 18.98 -12.63 -11.19
CA ASP A 86 19.13 -11.15 -11.27
C ASP A 86 18.56 -10.48 -10.00
N VAL A 87 19.26 -9.47 -9.44
CA VAL A 87 18.93 -8.88 -8.12
C VAL A 87 19.36 -7.43 -8.13
N ASP A 88 18.90 -6.64 -7.14
CA ASP A 88 19.44 -5.29 -6.86
C ASP A 88 20.12 -5.33 -5.50
N LEU A 89 21.17 -4.53 -5.34
CA LEU A 89 21.94 -4.39 -4.09
C LEU A 89 21.77 -2.97 -3.60
N VAL A 90 22.06 -2.74 -2.33
CA VAL A 90 22.11 -1.37 -1.73
C VAL A 90 23.51 -1.10 -1.21
N ASN A 91 24.06 0.06 -1.53
CA ASN A 91 25.33 0.54 -0.92
C ASN A 91 24.98 1.10 0.46
N CYS A 92 25.32 0.38 1.56
CA CYS A 92 24.88 0.76 2.92
C CYS A 92 25.38 2.16 3.30
N ARG A 93 26.51 2.63 2.75
CA ARG A 93 27.16 3.89 3.18
C ARG A 93 26.38 5.11 2.69
N ASN A 94 25.69 5.03 1.55
CA ASN A 94 25.01 6.20 0.91
C ASN A 94 23.61 5.86 0.40
N CYS A 95 23.09 4.65 0.59
CA CYS A 95 21.75 4.17 0.13
C CYS A 95 21.60 4.11 -1.41
N ALA A 96 22.65 4.26 -2.20
CA ALA A 96 22.58 4.10 -3.67
C ALA A 96 22.18 2.66 -4.02
N ILE A 97 21.35 2.50 -5.05
CA ILE A 97 20.88 1.19 -5.55
C ILE A 97 21.80 0.71 -6.68
N ILE A 98 22.29 -0.52 -6.59
CA ILE A 98 23.05 -1.13 -7.72
C ILE A 98 22.06 -2.05 -8.40
N SER A 99 21.59 -1.70 -9.61
CA SER A 99 20.46 -2.37 -10.30
C SER A 99 20.89 -3.54 -11.17
N ASP A 100 20.12 -4.61 -11.10
CA ASP A 100 20.06 -5.70 -12.11
C ASP A 100 21.47 -6.32 -12.32
N VAL A 101 22.10 -6.75 -11.22
CA VAL A 101 23.38 -7.51 -11.26
C VAL A 101 23.06 -8.96 -10.91
N LYS A 102 24.03 -9.86 -11.04
CA LYS A 102 23.88 -11.30 -10.73
C LYS A 102 24.07 -11.47 -9.23
N VAL A 103 23.32 -12.38 -8.64
CA VAL A 103 23.44 -12.60 -7.17
C VAL A 103 24.82 -13.18 -6.80
N ARG A 104 25.52 -13.90 -7.70
CA ARG A 104 26.94 -14.29 -7.42
C ARG A 104 27.82 -13.05 -7.21
N ASP A 105 27.55 -11.88 -7.81
CA ASP A 105 28.41 -10.67 -7.63
C ASP A 105 28.40 -10.26 -6.15
N PHE A 106 27.28 -10.52 -5.45
CA PHE A 106 27.17 -10.29 -3.98
C PHE A 106 27.86 -11.44 -3.23
N TRP A 107 27.44 -12.68 -3.45
CA TRP A 107 27.91 -13.82 -2.60
C TRP A 107 29.43 -14.01 -2.70
N ASP A 108 30.01 -13.84 -3.87
CA ASP A 108 31.47 -14.15 -4.04
C ASP A 108 32.35 -13.14 -3.28
N GLY A 109 31.85 -11.93 -2.95
CA GLY A 109 32.56 -10.92 -2.15
C GLY A 109 32.18 -10.95 -0.64
N PHE A 110 31.44 -11.95 -0.20
CA PHE A 110 30.83 -11.97 1.17
C PHE A 110 31.93 -11.96 2.21
N GLU A 111 32.96 -12.82 2.06
CA GLU A 111 34.07 -12.95 3.04
C GLU A 111 35.41 -12.56 2.42
N ILE A 112 35.56 -12.70 1.10
CA ILE A 112 36.87 -12.48 0.43
C ILE A 112 36.85 -11.06 -0.11
N ILE A 113 37.52 -10.13 0.57
CA ILE A 113 37.39 -8.68 0.28
C ILE A 113 37.93 -8.33 -1.13
N CYS A 114 38.95 -9.04 -1.65
CA CYS A 114 39.59 -8.76 -2.99
C CYS A 114 38.59 -9.10 -4.11
N LYS A 115 37.42 -9.67 -3.82
CA LYS A 115 36.41 -9.98 -4.86
C LYS A 115 35.20 -9.02 -4.81
N ARG A 116 35.11 -8.36 -3.66
CA ARG A 116 34.04 -7.41 -3.32
C ARG A 116 34.08 -6.35 -4.41
N LEU A 117 32.92 -6.01 -4.98
CA LEU A 117 32.75 -4.80 -5.81
C LEU A 117 33.41 -3.64 -5.06
N ARG A 118 34.10 -2.76 -5.81
CA ARG A 118 34.76 -1.55 -5.27
C ARG A 118 34.01 -0.30 -5.73
N SER A 119 34.01 0.75 -4.91
CA SER A 119 33.54 2.11 -5.26
C SER A 119 34.46 2.71 -6.34
N GLU A 120 33.98 3.75 -7.03
CA GLU A 120 34.75 4.49 -8.06
C GLU A 120 36.16 4.74 -7.56
N ASP A 121 36.32 4.92 -6.25
CA ASP A 121 37.57 5.40 -5.60
C ASP A 121 38.41 4.21 -5.12
N GLY A 122 37.89 2.98 -5.29
CA GLY A 122 38.67 1.73 -5.20
C GLY A 122 38.54 1.01 -3.87
N GLN A 123 37.61 1.45 -3.01
CA GLN A 123 37.35 0.83 -1.67
C GLN A 123 36.44 -0.39 -1.82
N PRO A 124 36.68 -1.45 -1.02
CA PRO A 124 35.73 -2.55 -0.95
C PRO A 124 34.41 -1.99 -0.39
N MET A 125 33.30 -2.20 -1.09
CA MET A 125 32.01 -1.58 -0.68
C MET A 125 31.33 -2.38 0.41
N VAL A 126 30.47 -1.71 1.17
CA VAL A 126 29.48 -2.36 2.07
C VAL A 126 28.17 -2.45 1.26
N LEU A 127 27.70 -3.71 1.09
CA LEU A 127 26.48 -3.99 0.28
C LEU A 127 25.52 -4.88 1.07
N LYS A 128 24.23 -4.58 0.90
CA LYS A 128 23.08 -5.37 1.37
C LYS A 128 22.40 -5.97 0.12
N LEU A 129 22.07 -7.26 0.13
CA LEU A 129 21.29 -7.93 -0.91
C LEU A 129 19.80 -7.69 -0.65
N LYS A 130 19.14 -6.97 -1.54
CA LYS A 130 17.74 -6.51 -1.31
C LYS A 130 16.76 -7.62 -1.70
N ASP A 131 15.79 -7.95 -0.84
CA ASP A 131 14.57 -8.74 -1.18
C ASP A 131 14.95 -10.04 -1.91
N TRP A 132 15.74 -10.89 -1.27
CA TRP A 132 16.19 -12.18 -1.85
C TRP A 132 16.22 -13.23 -0.77
N PRO A 133 15.61 -14.41 -0.99
CA PRO A 133 14.65 -14.64 -2.08
C PRO A 133 13.48 -13.64 -2.11
N PRO A 134 12.90 -13.34 -3.30
CA PRO A 134 11.91 -12.30 -3.42
C PRO A 134 10.50 -12.65 -2.86
N GLY A 135 9.82 -11.63 -2.33
CA GLY A 135 8.45 -11.73 -1.79
C GLY A 135 8.32 -12.92 -0.88
N GLU A 136 7.41 -13.83 -1.20
CA GLU A 136 7.08 -15.02 -0.38
C GLU A 136 7.71 -16.28 -0.98
N ASP A 137 8.73 -16.16 -1.84
CA ASP A 137 9.27 -17.31 -2.63
C ASP A 137 10.30 -18.18 -1.87
N PHE A 138 10.66 -17.90 -0.61
CA PHE A 138 11.70 -18.69 0.11
C PHE A 138 11.39 -20.20 0.05
N ARG A 139 10.18 -20.61 0.40
CA ARG A 139 9.78 -22.04 0.51
C ARG A 139 9.87 -22.76 -0.85
N ASP A 140 9.40 -22.12 -1.91
CA ASP A 140 9.45 -22.68 -3.29
C ASP A 140 10.91 -22.77 -3.77
N MET A 141 11.73 -21.74 -3.57
CA MET A 141 13.13 -21.70 -4.09
C MET A 141 14.04 -22.64 -3.29
N MET A 142 13.82 -22.75 -1.96
CA MET A 142 14.76 -23.45 -1.04
C MET A 142 14.01 -24.37 -0.08
N PRO A 143 13.31 -25.42 -0.57
CA PRO A 143 12.48 -26.27 0.30
C PRO A 143 13.26 -26.97 1.42
N THR A 144 14.52 -27.35 1.20
CA THR A 144 15.33 -28.04 2.21
C THR A 144 15.77 -27.04 3.32
N ARG A 145 16.16 -25.80 2.96
CA ARG A 145 16.46 -24.71 3.95
C ARG A 145 15.21 -24.42 4.77
N PHE A 146 14.07 -24.31 4.11
CA PHE A 146 12.76 -23.99 4.76
C PHE A 146 12.49 -25.03 5.86
N GLU A 147 12.56 -26.31 5.51
CA GLU A 147 12.37 -27.43 6.46
C GLU A 147 13.36 -27.31 7.63
N ASP A 148 14.65 -27.10 7.36
CA ASP A 148 15.72 -27.12 8.39
C ASP A 148 15.48 -25.99 9.41
N LEU A 149 15.04 -24.85 8.91
CA LEU A 149 14.80 -23.67 9.80
C LEU A 149 13.51 -23.94 10.60
N MET A 150 12.40 -24.20 9.92
CA MET A 150 11.07 -24.20 10.60
C MET A 150 11.02 -25.29 11.68
N GLU A 151 11.71 -26.42 11.50
CA GLU A 151 11.72 -27.58 12.42
C GLU A 151 12.57 -27.28 13.66
N ASN A 152 13.39 -26.23 13.62
CA ASN A 152 14.38 -25.93 14.68
C ASN A 152 14.16 -24.52 15.29
N LEU A 153 13.11 -23.79 14.92
CA LEU A 153 12.79 -22.49 15.58
C LEU A 153 12.45 -22.72 17.06
N PRO A 154 12.99 -21.90 17.98
CA PRO A 154 12.59 -21.95 19.39
C PRO A 154 11.14 -21.46 19.61
N LEU A 155 10.56 -21.82 20.77
CA LEU A 155 9.19 -21.41 21.20
C LEU A 155 8.22 -21.75 20.07
N PRO A 156 8.19 -23.04 19.65
CA PRO A 156 7.45 -23.42 18.45
C PRO A 156 5.92 -23.23 18.54
N GLU A 157 5.30 -23.20 19.72
CA GLU A 157 3.83 -22.90 19.80
C GLU A 157 3.56 -21.46 19.39
N TYR A 158 4.54 -20.56 19.58
CA TYR A 158 4.46 -19.16 19.10
C TYR A 158 4.91 -19.03 17.62
N THR A 159 6.01 -19.67 17.23
CA THR A 159 6.76 -19.28 16.00
C THR A 159 6.39 -20.12 14.76
N LYS A 160 5.86 -21.34 14.90
CA LYS A 160 5.50 -22.17 13.72
C LYS A 160 4.19 -21.67 13.09
N ARG A 161 4.03 -21.86 11.76
CA ARG A 161 2.91 -21.27 11.00
C ARG A 161 1.57 -21.68 11.64
N ASP A 162 1.49 -22.88 12.19
CA ASP A 162 0.27 -23.50 12.79
C ASP A 162 0.45 -23.74 14.30
N GLY A 163 1.38 -23.06 14.98
CA GLY A 163 1.48 -23.18 16.45
C GLY A 163 0.21 -22.72 17.10
N ARG A 164 -0.15 -23.32 18.23
CA ARG A 164 -1.36 -23.02 19.03
C ARG A 164 -1.39 -21.56 19.49
N LEU A 165 -0.25 -20.90 19.73
CA LEU A 165 -0.22 -19.49 20.19
C LEU A 165 0.20 -18.53 19.07
N ASN A 166 0.13 -18.95 17.81
CA ASN A 166 0.30 -18.03 16.66
C ASN A 166 -1.07 -17.78 16.05
N LEU A 167 -1.57 -16.57 16.17
CA LEU A 167 -2.93 -16.22 15.67
C LEU A 167 -2.90 -15.84 14.18
N ALA A 168 -1.73 -15.82 13.51
CA ALA A 168 -1.62 -15.28 12.12
C ALA A 168 -2.68 -15.90 11.19
N SER A 169 -2.89 -17.21 11.26
CA SER A 169 -3.78 -17.91 10.31
C SER A 169 -5.24 -17.91 10.79
N ARG A 170 -5.52 -17.32 11.96
CA ARG A 170 -6.82 -17.44 12.65
C ARG A 170 -7.56 -16.09 12.70
N LEU A 171 -7.04 -15.00 12.15
CA LEU A 171 -7.60 -13.65 12.41
C LEU A 171 -8.42 -13.15 11.22
N PRO A 172 -9.51 -12.40 11.45
CA PRO A 172 -10.22 -11.81 10.31
C PRO A 172 -9.49 -10.56 9.79
N SER A 173 -10.07 -9.96 8.74
CA SER A 173 -9.47 -8.85 7.96
C SER A 173 -9.41 -7.55 8.75
N TYR A 174 -10.04 -7.48 9.91
CA TYR A 174 -9.91 -6.38 10.88
C TYR A 174 -8.47 -6.30 11.47
N PHE A 175 -7.63 -7.28 11.17
CA PHE A 175 -6.20 -7.37 11.62
C PHE A 175 -5.29 -7.46 10.40
N VAL A 176 -4.16 -6.75 10.43
CA VAL A 176 -3.09 -6.89 9.40
C VAL A 176 -2.37 -8.19 9.69
N ARG A 177 -2.39 -9.08 8.72
CA ARG A 177 -1.77 -10.42 8.74
C ARG A 177 -0.38 -10.35 8.10
N PRO A 178 0.65 -11.00 8.68
CA PRO A 178 1.98 -11.02 8.06
C PRO A 178 2.00 -11.84 6.77
N ASP A 179 2.96 -11.56 5.88
CA ASP A 179 3.16 -12.34 4.65
C ASP A 179 3.61 -13.73 5.09
N LEU A 180 3.55 -14.70 4.17
CA LEU A 180 4.17 -16.04 4.37
C LEU A 180 5.69 -15.89 4.32
N GLY A 181 6.40 -16.43 5.31
CA GLY A 181 7.87 -16.29 5.42
C GLY A 181 8.51 -17.66 5.20
N PRO A 182 9.75 -17.87 5.65
CA PRO A 182 10.54 -16.80 6.25
C PRO A 182 11.14 -15.85 5.19
N LYS A 183 11.87 -14.84 5.67
CA LYS A 183 12.60 -13.81 4.86
C LYS A 183 14.09 -13.90 5.22
N MET A 184 14.96 -13.83 4.22
CA MET A 184 16.43 -13.84 4.41
C MET A 184 16.98 -12.42 4.36
N TYR A 185 17.93 -12.09 5.26
CA TYR A 185 18.53 -10.74 5.40
C TYR A 185 20.05 -10.92 5.30
N ASN A 186 20.63 -10.52 4.16
CA ASN A 186 22.05 -10.79 3.84
C ASN A 186 22.75 -9.46 3.57
N ALA A 187 23.83 -9.18 4.27
CA ALA A 187 24.61 -7.95 4.12
C ALA A 187 26.02 -8.12 4.67
N TYR A 188 26.94 -7.38 4.07
CA TYR A 188 28.34 -7.30 4.55
C TYR A 188 28.42 -6.58 5.91
N GLY A 189 29.56 -6.70 6.59
CA GLY A 189 29.88 -5.96 7.83
C GLY A 189 30.31 -4.56 7.53
N LEU A 190 29.89 -3.60 8.35
CA LEU A 190 30.39 -2.20 8.37
C LEU A 190 31.80 -2.22 8.97
N ILE A 191 32.68 -1.39 8.41
CA ILE A 191 34.16 -1.57 8.52
C ILE A 191 34.81 -0.40 9.28
N THR A 192 34.62 0.83 8.83
CA THR A 192 35.43 1.99 9.25
C THR A 192 34.84 2.70 10.46
N ALA A 193 35.60 3.65 11.02
CA ALA A 193 35.12 4.55 12.10
C ALA A 193 33.92 5.37 11.63
N GLU A 194 33.95 5.91 10.40
CA GLU A 194 32.81 6.62 9.79
C GLU A 194 31.59 5.67 9.70
N ASP A 195 31.82 4.39 9.41
CA ASP A 195 30.73 3.38 9.26
C ASP A 195 29.98 3.22 10.63
N ARG A 196 30.56 3.63 11.77
CA ARG A 196 29.96 3.37 13.12
C ARG A 196 28.54 3.99 13.18
N ARG A 197 28.29 5.09 12.46
CA ARG A 197 27.03 5.87 12.51
C ARG A 197 26.02 5.41 11.44
N VAL A 198 26.28 4.36 10.67
CA VAL A 198 25.42 3.91 9.53
C VAL A 198 24.66 2.66 9.99
N GLY A 199 23.43 2.46 9.54
CA GLY A 199 22.70 1.20 9.82
C GLY A 199 22.82 0.22 8.66
N THR A 200 22.75 -1.06 8.98
CA THR A 200 22.43 -2.12 7.99
C THR A 200 20.93 -2.06 7.69
N THR A 201 20.12 -2.07 8.75
CA THR A 201 18.66 -1.82 8.68
C THR A 201 18.34 -0.63 9.59
N ASN A 202 17.84 0.44 9.00
CA ASN A 202 17.48 1.66 9.77
C ASN A 202 16.31 1.39 10.75
N LEU A 203 16.17 2.32 11.66
CA LEU A 203 15.12 2.33 12.71
C LEU A 203 13.74 2.24 12.08
N HIS A 204 12.95 1.26 12.49
CA HIS A 204 11.58 1.03 11.99
C HIS A 204 10.81 0.16 12.98
N LEU A 205 9.50 -0.04 12.77
CA LEU A 205 8.77 -1.01 13.59
C LEU A 205 7.90 -1.88 12.67
N ASP A 206 7.48 -3.03 13.17
CA ASP A 206 6.62 -4.02 12.48
C ASP A 206 5.35 -4.21 13.30
N VAL A 207 4.21 -4.44 12.66
CA VAL A 207 2.94 -4.65 13.42
C VAL A 207 2.74 -6.10 13.87
N SER A 208 3.57 -7.05 13.40
N SER A 208 3.58 -7.03 13.40
CA SER A 208 3.60 -8.46 13.86
CA SER A 208 3.62 -8.44 13.85
C SER A 208 4.87 -8.69 14.68
C SER A 208 4.83 -8.64 14.76
N ASP A 209 4.85 -9.75 15.51
CA ASP A 209 6.03 -10.21 16.25
C ASP A 209 7.01 -10.83 15.24
N ALA A 210 8.26 -10.97 15.58
CA ALA A 210 9.22 -11.70 14.70
C ALA A 210 10.28 -12.41 15.51
N VAL A 211 10.80 -13.49 14.95
CA VAL A 211 12.03 -14.15 15.47
C VAL A 211 13.09 -14.12 14.38
N ASN A 212 14.28 -13.64 14.69
CA ASN A 212 15.38 -13.44 13.71
C ASN A 212 16.54 -14.35 14.14
N VAL A 213 16.94 -15.33 13.29
CA VAL A 213 18.04 -16.30 13.60
C VAL A 213 19.31 -15.94 12.80
N MET A 214 20.44 -15.84 13.47
CA MET A 214 21.79 -15.67 12.86
C MET A 214 22.30 -17.07 12.47
N VAL A 215 22.28 -17.39 11.16
CA VAL A 215 22.59 -18.77 10.68
C VAL A 215 24.04 -18.82 10.18
N TYR A 216 24.69 -17.68 9.93
CA TYR A 216 26.10 -17.67 9.43
C TYR A 216 26.73 -16.30 9.69
N VAL A 217 27.96 -16.27 10.19
CA VAL A 217 28.81 -15.06 10.33
C VAL A 217 30.12 -15.26 9.55
N GLY A 218 30.41 -14.35 8.64
CA GLY A 218 31.61 -14.38 7.79
C GLY A 218 32.58 -13.35 8.29
N ILE A 219 33.69 -13.79 8.85
CA ILE A 219 34.75 -12.86 9.34
C ILE A 219 35.86 -12.85 8.29
N PRO A 220 36.05 -11.76 7.53
CA PRO A 220 36.92 -11.80 6.34
C PRO A 220 38.42 -12.01 6.53
N ILE A 221 39.06 -12.02 5.35
CA ILE A 221 40.51 -12.11 5.02
C ILE A 221 40.75 -11.19 3.79
N GLY A 222 41.91 -10.51 3.77
CA GLY A 222 42.29 -9.50 2.76
C GLY A 222 42.55 -8.17 3.42
N GLU A 223 41.49 -7.55 3.96
CA GLU A 223 41.56 -6.55 5.05
C GLU A 223 41.18 -7.28 6.35
N GLY A 224 41.75 -8.48 6.55
CA GLY A 224 41.63 -9.30 7.76
C GLY A 224 42.71 -8.94 8.77
N ALA A 225 42.29 -8.55 9.98
CA ALA A 225 43.01 -7.76 11.02
C ALA A 225 42.16 -6.54 11.41
N HIS A 226 40.85 -6.61 11.12
CA HIS A 226 39.83 -5.52 11.25
C HIS A 226 39.10 -5.63 12.59
N ASP A 227 39.60 -6.51 13.47
CA ASP A 227 39.05 -6.89 14.80
C ASP A 227 38.85 -5.64 15.67
N GLU A 228 39.74 -4.64 15.60
CA GLU A 228 39.86 -3.60 16.67
C GLU A 228 38.69 -2.63 16.63
N GLU A 229 38.29 -2.13 15.45
CA GLU A 229 37.11 -1.23 15.26
C GLU A 229 35.82 -1.93 15.75
N VAL A 230 35.70 -3.25 15.62
CA VAL A 230 34.53 -4.04 16.14
C VAL A 230 34.43 -3.91 17.69
N LEU A 231 35.54 -3.89 18.44
CA LEU A 231 35.48 -3.72 19.93
C LEU A 231 34.99 -2.32 20.34
N LYS A 232 35.51 -1.27 19.70
N LYS A 232 35.53 -1.28 19.69
CA LYS A 232 35.11 0.14 19.96
CA LYS A 232 35.13 0.14 19.91
C LYS A 232 33.63 0.34 19.61
C LYS A 232 33.63 0.32 19.63
N THR A 233 33.11 -0.37 18.60
CA THR A 233 31.68 -0.25 18.17
C THR A 233 30.73 -0.84 19.23
N ILE A 234 31.11 -1.97 19.82
CA ILE A 234 30.29 -2.69 20.84
C ILE A 234 30.27 -1.85 22.13
N ASP A 235 31.43 -1.33 22.49
CA ASP A 235 31.61 -0.49 23.70
C ASP A 235 30.75 0.78 23.60
N GLU A 236 30.94 1.54 22.54
CA GLU A 236 30.19 2.80 22.24
C GLU A 236 28.70 2.49 21.95
N GLY A 237 28.43 1.29 21.43
CA GLY A 237 27.07 0.71 21.28
C GLY A 237 26.32 0.58 22.59
N ASP A 238 27.01 0.67 23.76
CA ASP A 238 26.40 0.63 25.14
C ASP A 238 26.18 -0.83 25.58
N ALA A 239 26.90 -1.81 25.02
CA ALA A 239 26.72 -3.24 25.35
C ALA A 239 27.12 -3.49 26.80
N ASP A 240 26.44 -4.38 27.51
CA ASP A 240 26.68 -4.70 28.95
C ASP A 240 27.97 -5.49 29.10
N GLU A 241 28.44 -5.66 30.34
CA GLU A 241 29.76 -6.28 30.62
C GLU A 241 29.71 -7.78 30.33
N VAL A 242 28.59 -8.46 30.58
CA VAL A 242 28.48 -9.93 30.30
C VAL A 242 28.59 -10.18 28.78
N THR A 243 27.99 -9.31 27.95
CA THR A 243 28.05 -9.40 26.47
C THR A 243 29.52 -9.22 26.03
N LYS A 244 30.25 -8.30 26.64
CA LYS A 244 31.70 -8.13 26.32
C LYS A 244 32.49 -9.39 26.68
N GLU A 245 32.07 -10.12 27.71
CA GLU A 245 32.73 -11.40 28.11
C GLU A 245 32.53 -12.50 27.06
N ARG A 246 31.43 -12.53 26.26
CA ARG A 246 31.17 -13.64 25.29
C ARG A 246 32.24 -13.68 24.19
N ILE A 247 32.85 -12.53 23.89
CA ILE A 247 33.98 -12.37 22.92
C ILE A 247 35.28 -12.95 23.52
N HIS A 248 35.75 -12.31 24.59
CA HIS A 248 37.12 -12.46 25.15
C HIS A 248 37.27 -13.82 25.85
N ASP A 249 36.17 -14.40 26.35
CA ASP A 249 36.17 -15.62 27.21
C ASP A 249 35.86 -16.89 26.38
N HIS A 250 34.77 -16.89 25.59
CA HIS A 250 34.22 -18.09 24.89
C HIS A 250 34.60 -18.12 23.39
N LYS A 251 35.15 -17.02 22.86
CA LYS A 251 35.50 -16.80 21.42
C LYS A 251 34.33 -17.21 20.50
N GLU A 252 33.08 -16.87 20.85
CA GLU A 252 31.90 -16.93 19.93
C GLU A 252 32.02 -15.84 18.84
N LYS A 253 31.40 -16.04 17.68
CA LYS A 253 31.46 -15.07 16.53
C LYS A 253 30.35 -14.03 16.63
N PRO A 254 30.62 -12.72 16.84
CA PRO A 254 29.59 -11.68 16.89
C PRO A 254 29.16 -11.27 15.48
N GLY A 255 27.87 -11.31 15.21
CA GLY A 255 27.30 -10.90 13.92
C GLY A 255 26.93 -9.42 13.88
N ALA A 256 25.97 -8.99 14.72
CA ALA A 256 25.27 -7.72 14.52
C ALA A 256 24.90 -7.08 15.86
N LEU A 257 25.01 -5.76 15.91
CA LEU A 257 24.58 -4.92 17.07
C LEU A 257 23.16 -4.41 16.81
N TRP A 258 22.22 -4.71 17.71
CA TRP A 258 20.80 -4.25 17.65
C TRP A 258 20.58 -3.16 18.71
N HIS A 259 19.71 -2.20 18.44
CA HIS A 259 19.06 -1.41 19.52
C HIS A 259 17.55 -1.62 19.37
N ILE A 260 16.89 -2.03 20.46
CA ILE A 260 15.42 -2.25 20.47
C ILE A 260 14.84 -1.31 21.56
N TYR A 261 13.69 -0.73 21.28
CA TYR A 261 12.94 0.19 22.18
C TYR A 261 11.54 -0.38 22.41
N ALA A 262 11.00 -0.21 23.63
CA ALA A 262 9.62 -0.63 23.96
C ALA A 262 8.61 0.06 23.04
N ALA A 263 7.58 -0.67 22.61
CA ALA A 263 6.44 -0.16 21.83
C ALA A 263 5.88 1.11 22.49
N LYS A 264 5.84 1.18 23.84
CA LYS A 264 5.22 2.33 24.55
C LYS A 264 6.05 3.60 24.34
N ASP A 265 7.31 3.51 23.91
CA ASP A 265 8.21 4.69 23.75
C ASP A 265 8.26 5.20 22.30
N ALA A 266 7.52 4.57 21.39
CA ALA A 266 7.61 4.91 19.94
C ALA A 266 7.28 6.38 19.69
N GLU A 267 6.24 6.95 20.32
CA GLU A 267 5.88 8.40 20.05
C GLU A 267 6.98 9.34 20.55
N LYS A 268 7.58 9.11 21.71
CA LYS A 268 8.71 9.94 22.19
C LYS A 268 9.87 9.87 21.18
N ILE A 269 10.12 8.71 20.59
CA ILE A 269 11.19 8.59 19.57
C ILE A 269 10.78 9.48 18.37
N ARG A 270 9.52 9.43 17.94
CA ARG A 270 9.06 10.30 16.82
C ARG A 270 9.30 11.79 17.14
N GLU A 271 9.00 12.24 18.36
CA GLU A 271 9.22 13.65 18.79
C GLU A 271 10.70 14.01 18.64
N LEU A 272 11.62 13.18 19.13
CA LEU A 272 13.09 13.44 19.01
C LEU A 272 13.45 13.60 17.52
N LEU A 273 13.00 12.68 16.67
CA LEU A 273 13.45 12.64 15.26
C LEU A 273 12.81 13.82 14.48
N ARG A 274 11.60 14.27 14.83
CA ARG A 274 11.04 15.53 14.23
C ARG A 274 11.89 16.74 14.61
N LYS A 275 12.33 16.85 15.87
CA LYS A 275 13.18 17.98 16.35
C LYS A 275 14.53 17.93 15.62
N VAL A 276 15.16 16.76 15.56
CA VAL A 276 16.45 16.61 14.83
C VAL A 276 16.27 16.87 13.31
N GLY A 277 15.22 16.36 12.66
CA GLY A 277 14.99 16.66 11.23
C GLY A 277 14.93 18.17 10.99
N GLU A 278 14.26 18.89 11.88
CA GLU A 278 14.08 20.37 11.79
C GLU A 278 15.45 21.02 12.00
N GLU A 279 16.19 20.67 13.04
CA GLU A 279 17.56 21.20 13.28
C GLU A 279 18.43 21.00 12.03
N GLN A 280 18.31 19.88 11.33
CA GLN A 280 19.17 19.55 10.16
C GLN A 280 18.57 20.16 8.87
N GLY A 281 17.58 21.04 8.96
CA GLY A 281 17.05 21.76 7.81
C GLY A 281 16.11 20.92 6.95
N GLN A 282 15.74 19.70 7.36
CA GLN A 282 14.61 18.98 6.68
C GLN A 282 13.35 19.86 6.83
N GLU A 283 12.44 19.81 5.86
CA GLU A 283 11.15 20.56 5.94
C GLU A 283 10.05 19.50 5.89
N ASN A 284 9.55 19.12 7.07
CA ASN A 284 8.55 18.05 7.25
C ASN A 284 7.33 18.65 7.93
N PRO A 285 6.09 18.20 7.61
CA PRO A 285 4.89 18.56 8.37
C PRO A 285 4.93 18.02 9.79
N PRO A 286 4.26 18.66 10.77
CA PRO A 286 4.43 18.36 12.20
C PRO A 286 3.97 16.94 12.62
N ASP A 287 3.27 16.24 11.73
CA ASP A 287 2.60 14.93 11.93
C ASP A 287 3.36 13.79 11.21
N HIS A 288 4.35 14.09 10.35
CA HIS A 288 5.01 13.04 9.53
C HIS A 288 5.68 12.05 10.47
N ASP A 289 5.86 10.82 9.99
CA ASP A 289 6.27 9.67 10.84
C ASP A 289 7.69 9.26 10.50
N PRO A 290 8.72 9.75 11.23
CA PRO A 290 10.12 9.41 10.96
C PRO A 290 10.48 7.95 11.21
N ILE A 291 9.70 7.22 12.02
CA ILE A 291 9.93 5.77 12.20
C ILE A 291 9.41 5.03 10.95
N HIS A 292 8.19 5.31 10.46
CA HIS A 292 7.68 4.62 9.24
C HIS A 292 8.59 4.90 8.03
N ASP A 293 9.16 6.09 7.92
CA ASP A 293 10.08 6.51 6.83
C ASP A 293 11.34 5.62 6.71
N GLN A 294 11.82 5.04 7.81
CA GLN A 294 12.93 4.05 7.81
C GLN A 294 14.19 4.75 7.29
N SER A 295 14.38 6.01 7.67
CA SER A 295 15.44 6.87 7.13
C SER A 295 16.50 7.18 8.20
N TRP A 296 16.26 6.85 9.48
CA TRP A 296 17.17 7.23 10.59
C TRP A 296 17.95 6.02 11.14
N TYR A 297 19.21 6.24 11.53
CA TYR A 297 19.97 5.32 12.42
C TYR A 297 20.39 6.10 13.65
N LEU A 298 19.99 5.66 14.84
CA LEU A 298 20.36 6.32 16.12
C LEU A 298 21.80 5.98 16.46
N ASP A 299 22.71 6.93 16.22
CA ASP A 299 24.14 6.82 16.58
C ASP A 299 24.32 7.11 18.08
N GLN A 300 25.55 7.07 18.59
CA GLN A 300 25.80 7.30 20.03
C GLN A 300 25.22 8.67 20.48
N THR A 301 25.39 9.72 19.68
CA THR A 301 24.90 11.09 20.00
C THR A 301 23.37 11.05 20.18
N LEU A 302 22.66 10.47 19.20
CA LEU A 302 21.17 10.41 19.21
C LEU A 302 20.65 9.52 20.35
N ARG A 303 21.35 8.43 20.66
CA ARG A 303 20.85 7.50 21.71
C ARG A 303 21.00 8.22 23.05
N LYS A 304 22.07 9.00 23.23
CA LYS A 304 22.25 9.74 24.51
C LYS A 304 21.18 10.84 24.66
N ARG A 305 20.88 11.55 23.58
CA ARG A 305 19.85 12.60 23.53
C ARG A 305 18.47 11.98 23.84
N LEU A 306 18.19 10.79 23.32
CA LEU A 306 16.90 10.09 23.60
C LEU A 306 16.76 9.85 25.11
N TYR A 307 17.83 9.36 25.73
CA TYR A 307 17.86 9.06 27.19
C TYR A 307 17.73 10.38 27.98
N GLU A 308 18.57 11.39 27.67
CA GLU A 308 18.69 12.61 28.54
C GLU A 308 17.45 13.51 28.38
N GLU A 309 16.98 13.73 27.15
CA GLU A 309 15.97 14.77 26.81
C GLU A 309 14.55 14.19 26.87
N TYR A 310 14.37 12.87 26.69
CA TYR A 310 13.02 12.23 26.60
C TYR A 310 12.87 11.12 27.64
N GLY A 311 13.91 10.75 28.39
CA GLY A 311 13.78 9.73 29.43
C GLY A 311 13.63 8.29 28.93
N VAL A 312 14.08 8.01 27.71
CA VAL A 312 13.85 6.68 27.05
C VAL A 312 15.15 5.88 27.05
N GLN A 313 15.08 4.68 27.61
CA GLN A 313 16.17 3.67 27.60
C GLN A 313 15.78 2.55 26.66
N GLY A 314 16.76 1.99 25.95
CA GLY A 314 16.57 0.81 25.10
C GLY A 314 17.36 -0.40 25.57
N TRP A 315 17.35 -1.42 24.72
CA TRP A 315 18.14 -2.65 24.90
C TRP A 315 19.18 -2.67 23.79
N ALA A 316 20.46 -2.71 24.15
CA ALA A 316 21.58 -2.92 23.22
C ALA A 316 21.94 -4.39 23.22
N ILE A 317 21.80 -5.06 22.06
CA ILE A 317 21.89 -6.55 21.98
C ILE A 317 22.96 -6.90 20.91
N VAL A 318 23.94 -7.71 21.27
CA VAL A 318 24.88 -8.30 20.27
C VAL A 318 24.39 -9.71 19.93
N GLN A 319 23.99 -9.91 18.66
CA GLN A 319 23.49 -11.20 18.15
C GLN A 319 24.69 -11.99 17.59
N PHE A 320 25.08 -13.06 18.27
CA PHE A 320 26.19 -13.98 17.90
C PHE A 320 25.65 -15.06 16.94
N LEU A 321 26.55 -15.78 16.27
CA LEU A 321 26.15 -16.98 15.50
C LEU A 321 25.23 -17.88 16.35
N GLY A 322 24.10 -18.27 15.78
CA GLY A 322 23.10 -19.14 16.42
C GLY A 322 22.16 -18.43 17.40
N ASP A 323 22.29 -17.14 17.61
CA ASP A 323 21.32 -16.40 18.48
C ASP A 323 20.04 -16.08 17.71
N ALA A 324 18.89 -16.34 18.34
CA ALA A 324 17.53 -15.98 17.89
C ALA A 324 17.06 -14.76 18.69
N VAL A 325 16.84 -13.63 18.02
CA VAL A 325 16.29 -12.40 18.66
C VAL A 325 14.76 -12.41 18.43
N PHE A 326 14.00 -12.29 19.52
CA PHE A 326 12.52 -12.13 19.52
C PHE A 326 12.22 -10.63 19.65
N ILE A 327 11.56 -10.05 18.63
CA ILE A 327 11.26 -8.59 18.56
C ILE A 327 9.73 -8.43 18.74
N PRO A 328 9.24 -7.80 19.81
CA PRO A 328 7.81 -7.64 20.01
C PRO A 328 7.14 -6.65 19.01
N ALA A 329 5.93 -7.00 18.57
CA ALA A 329 5.11 -6.11 17.71
C ALA A 329 5.11 -4.67 18.25
N GLY A 330 5.32 -3.69 17.36
CA GLY A 330 5.28 -2.28 17.72
C GLY A 330 6.61 -1.71 18.25
N ALA A 331 7.60 -2.56 18.56
CA ALA A 331 8.90 -2.14 19.15
C ALA A 331 9.81 -1.57 18.06
N PRO A 332 10.16 -0.26 18.12
CA PRO A 332 11.12 0.31 17.18
C PRO A 332 12.48 -0.38 17.32
N HIS A 333 13.16 -0.68 16.21
CA HIS A 333 14.46 -1.40 16.27
C HIS A 333 15.33 -1.09 15.05
N GLN A 334 16.64 -1.18 15.24
CA GLN A 334 17.66 -0.95 14.19
C GLN A 334 18.77 -1.98 14.33
N VAL A 335 19.51 -2.23 13.23
CA VAL A 335 20.50 -3.33 13.14
C VAL A 335 21.76 -2.78 12.46
N HIS A 336 22.94 -3.07 13.02
CA HIS A 336 24.28 -2.67 12.51
C HIS A 336 25.18 -3.91 12.43
N ASN A 337 25.47 -4.40 11.23
CA ASN A 337 26.32 -5.61 11.08
C ASN A 337 27.77 -5.30 11.42
N LEU A 338 28.35 -6.10 12.31
CA LEU A 338 29.77 -5.99 12.73
C LEU A 338 30.62 -6.76 11.73
N TYR A 339 30.12 -7.92 11.31
CA TYR A 339 30.72 -8.73 10.22
C TYR A 339 29.64 -9.11 9.20
N SER A 340 30.03 -9.81 8.12
CA SER A 340 29.07 -10.27 7.09
C SER A 340 28.10 -11.28 7.70
N CYS A 341 26.77 -11.04 7.56
CA CYS A 341 25.72 -11.87 8.21
C CYS A 341 24.71 -12.45 7.26
N ILE A 342 24.28 -13.69 7.52
CA ILE A 342 23.06 -14.32 6.97
C ILE A 342 22.08 -14.47 8.15
N LYS A 343 20.97 -13.76 8.09
CA LYS A 343 19.89 -13.83 9.07
C LYS A 343 18.66 -14.40 8.40
N VAL A 344 17.88 -15.20 9.11
CA VAL A 344 16.58 -15.68 8.59
C VAL A 344 15.49 -15.42 9.64
N ALA A 345 14.41 -14.79 9.24
CA ALA A 345 13.37 -14.30 10.19
C ALA A 345 12.00 -14.82 9.82
N GLU A 346 11.17 -15.08 10.83
CA GLU A 346 9.75 -15.55 10.65
C GLU A 346 8.84 -14.61 11.43
N ASP A 347 7.81 -14.07 10.80
CA ASP A 347 6.81 -13.25 11.51
C ASP A 347 5.76 -14.16 12.15
N PHE A 348 5.13 -13.70 13.23
CA PHE A 348 4.06 -14.47 13.94
C PHE A 348 3.18 -13.45 14.68
N VAL A 349 2.01 -13.88 15.18
CA VAL A 349 1.06 -13.02 15.92
C VAL A 349 0.72 -13.68 17.26
N SER A 350 1.44 -13.31 18.29
CA SER A 350 1.18 -13.80 19.65
C SER A 350 -0.10 -13.13 20.19
N PRO A 351 -0.84 -13.83 21.06
CA PRO A 351 -1.97 -13.20 21.71
C PRO A 351 -1.58 -12.01 22.58
N GLU A 352 -0.38 -12.03 23.20
CA GLU A 352 0.11 -10.94 24.08
C GLU A 352 0.12 -9.61 23.32
N HIS A 353 0.29 -9.60 22.00
CA HIS A 353 0.62 -8.34 21.27
C HIS A 353 -0.32 -8.12 20.06
N VAL A 354 -1.41 -8.87 19.95
CA VAL A 354 -2.38 -8.76 18.83
C VAL A 354 -2.97 -7.35 18.73
N LYS A 355 -3.08 -6.57 19.80
CA LYS A 355 -3.53 -5.14 19.70
C LYS A 355 -2.73 -4.37 18.65
N HIS A 356 -1.45 -4.64 18.43
CA HIS A 356 -0.60 -3.80 17.54
C HIS A 356 -1.02 -3.93 16.07
N CYS A 357 -1.74 -4.99 15.65
CA CYS A 357 -2.14 -5.17 14.22
C CYS A 357 -3.65 -4.95 14.00
N PHE A 358 -4.40 -4.50 15.00
CA PHE A 358 -5.86 -4.24 14.87
C PHE A 358 -6.05 -2.94 14.05
N ARG A 359 -6.99 -2.93 13.11
CA ARG A 359 -7.19 -1.77 12.19
C ARG A 359 -8.14 -0.68 12.73
N LEU A 360 -8.77 -0.82 13.91
CA LEU A 360 -9.59 0.27 14.48
C LEU A 360 -9.02 0.82 15.80
N THR A 361 -9.59 1.95 16.25
CA THR A 361 -9.34 2.72 17.52
C THR A 361 -7.83 2.82 17.77
N MET B 23 -35.18 28.25 -25.75
CA MET B 23 -35.47 28.79 -24.39
C MET B 23 -35.15 27.71 -23.35
N THR B 24 -34.76 26.50 -23.76
CA THR B 24 -34.28 25.45 -22.83
C THR B 24 -33.11 26.03 -22.03
N SER B 25 -33.20 26.01 -20.70
CA SER B 25 -32.14 26.53 -19.80
C SER B 25 -30.89 25.68 -19.96
N HIS B 26 -29.81 26.29 -20.38
CA HIS B 26 -28.50 25.65 -20.57
C HIS B 26 -27.37 26.64 -20.45
N SER B 27 -26.15 26.13 -20.33
CA SER B 27 -24.87 26.88 -20.41
C SER B 27 -23.80 25.94 -20.96
N TRP B 28 -22.63 26.48 -21.28
CA TRP B 28 -21.50 25.73 -21.87
C TRP B 28 -20.32 25.88 -20.92
N LEU B 29 -19.73 24.76 -20.50
CA LEU B 29 -18.55 24.73 -19.60
C LEU B 29 -17.36 24.17 -20.38
N CYS B 30 -16.20 23.98 -19.74
CA CYS B 30 -14.99 23.48 -20.42
C CYS B 30 -14.70 24.39 -21.64
N ASP B 31 -14.76 25.73 -21.46
CA ASP B 31 -14.38 26.71 -22.53
C ASP B 31 -15.26 26.48 -23.77
N GLY B 32 -16.58 26.36 -23.58
CA GLY B 32 -17.62 26.19 -24.63
C GLY B 32 -17.81 24.77 -25.15
N ARG B 33 -17.08 23.75 -24.67
CA ARG B 33 -17.09 22.39 -25.29
C ARG B 33 -18.00 21.38 -24.55
N LEU B 34 -18.60 21.75 -23.41
CA LEU B 34 -19.50 20.85 -22.61
C LEU B 34 -20.89 21.47 -22.44
N LEU B 35 -21.93 20.84 -23.01
CA LEU B 35 -23.32 21.21 -22.74
C LEU B 35 -23.68 20.91 -21.29
N CYS B 36 -24.27 21.89 -20.59
CA CYS B 36 -24.85 21.73 -19.24
C CYS B 36 -26.33 22.11 -19.31
N LEU B 37 -27.26 21.15 -19.18
CA LEU B 37 -28.72 21.40 -19.12
C LEU B 37 -29.12 21.56 -17.66
N HIS B 38 -29.94 22.57 -17.34
CA HIS B 38 -30.19 22.97 -15.92
C HIS B 38 -31.60 22.59 -15.40
N ASP B 39 -32.56 22.23 -16.27
CA ASP B 39 -33.88 21.73 -15.82
C ASP B 39 -33.97 20.23 -16.15
N PRO B 40 -33.82 19.34 -15.14
CA PRO B 40 -33.74 17.90 -15.43
C PRO B 40 -35.01 17.30 -16.06
N SER B 41 -36.18 17.90 -15.82
CA SER B 41 -37.51 17.43 -16.32
C SER B 41 -38.02 18.21 -17.54
N ASN B 42 -37.24 19.13 -18.14
CA ASN B 42 -37.71 19.85 -19.37
C ASN B 42 -37.83 18.83 -20.53
N LYS B 43 -39.03 18.64 -21.09
CA LYS B 43 -39.28 17.70 -22.21
C LYS B 43 -38.55 18.16 -23.51
N ASN B 44 -38.01 19.37 -23.59
CA ASN B 44 -37.24 19.80 -24.79
C ASN B 44 -35.71 19.57 -24.67
N ASN B 45 -35.21 18.91 -23.61
CA ASN B 45 -33.74 18.74 -23.35
C ASN B 45 -33.06 18.05 -24.55
N TRP B 46 -33.75 17.14 -25.25
CA TRP B 46 -33.22 16.31 -26.34
C TRP B 46 -32.73 17.21 -27.51
N LYS B 47 -33.34 18.39 -27.67
CA LYS B 47 -33.10 19.24 -28.88
C LYS B 47 -31.63 19.66 -29.02
N ILE B 48 -31.03 20.19 -27.97
CA ILE B 48 -29.59 20.63 -28.00
C ILE B 48 -28.65 19.42 -27.69
N PHE B 49 -29.12 18.50 -26.84
CA PHE B 49 -28.39 17.24 -26.53
C PHE B 49 -27.99 16.47 -27.79
N ARG B 50 -28.89 16.34 -28.79
CA ARG B 50 -28.69 15.46 -29.97
C ARG B 50 -27.37 15.73 -30.71
N GLU B 51 -27.05 16.98 -31.09
CA GLU B 51 -25.81 17.22 -31.87
C GLU B 51 -24.57 16.94 -31.00
N CYS B 52 -24.57 17.33 -29.72
CA CYS B 52 -23.42 17.08 -28.82
C CYS B 52 -23.14 15.57 -28.75
N TRP B 53 -24.19 14.78 -28.54
CA TRP B 53 -24.11 13.30 -28.45
C TRP B 53 -23.68 12.67 -29.78
N LYS B 54 -24.18 13.16 -30.91
CA LYS B 54 -23.72 12.70 -32.26
C LYS B 54 -22.22 12.96 -32.43
N GLN B 55 -21.69 14.09 -31.98
CA GLN B 55 -20.25 14.42 -32.10
C GLN B 55 -19.42 13.63 -31.07
N GLY B 56 -20.04 12.81 -30.22
CA GLY B 56 -19.34 11.94 -29.24
C GLY B 56 -18.86 12.66 -28.00
N GLN B 57 -19.56 13.72 -27.62
CA GLN B 57 -19.25 14.55 -26.42
C GLN B 57 -20.04 14.01 -25.23
N PRO B 58 -19.43 14.00 -24.02
CA PRO B 58 -20.24 13.90 -22.82
C PRO B 58 -21.15 15.13 -22.64
N VAL B 59 -22.20 14.99 -21.86
CA VAL B 59 -23.19 16.05 -21.52
C VAL B 59 -23.48 16.00 -20.03
N LEU B 60 -23.73 17.14 -19.41
CA LEU B 60 -24.10 17.24 -17.96
C LEU B 60 -25.51 17.81 -17.79
N VAL B 61 -26.30 17.22 -16.91
CA VAL B 61 -27.65 17.70 -16.51
C VAL B 61 -27.61 17.91 -14.98
N SER B 62 -27.90 19.14 -14.54
CA SER B 62 -27.83 19.51 -13.11
C SER B 62 -29.23 19.43 -12.50
N GLY B 63 -29.31 19.41 -11.16
CA GLY B 63 -30.57 19.56 -10.42
C GLY B 63 -31.30 18.26 -10.10
N VAL B 64 -30.76 17.06 -10.37
CA VAL B 64 -31.50 15.77 -10.19
C VAL B 64 -31.77 15.54 -8.68
N HIS B 65 -30.88 15.98 -7.79
CA HIS B 65 -31.03 15.84 -6.29
C HIS B 65 -32.34 16.47 -5.82
N LYS B 66 -32.76 17.56 -6.47
CA LYS B 66 -34.01 18.26 -6.10
C LYS B 66 -35.24 17.43 -6.47
N LYS B 67 -35.11 16.47 -7.37
CA LYS B 67 -36.22 15.56 -7.77
C LYS B 67 -36.33 14.32 -6.84
N LEU B 68 -35.28 13.96 -6.11
CA LEU B 68 -35.23 12.70 -5.31
C LEU B 68 -35.79 12.93 -3.90
N LYS B 69 -36.10 11.85 -3.20
CA LYS B 69 -36.34 11.84 -1.73
C LYS B 69 -35.00 11.79 -0.97
N SER B 70 -34.52 12.92 -0.45
CA SER B 70 -33.13 13.05 0.08
C SER B 70 -32.88 12.10 1.26
N GLU B 71 -33.89 11.75 2.06
CA GLU B 71 -33.75 10.86 3.25
C GLU B 71 -33.42 9.42 2.81
N LEU B 72 -33.70 9.03 1.55
CA LEU B 72 -33.38 7.68 1.03
C LEU B 72 -31.88 7.56 0.68
N TRP B 73 -31.13 8.66 0.54
CA TRP B 73 -29.76 8.64 -0.05
C TRP B 73 -28.74 9.12 0.98
N LYS B 74 -28.96 8.85 2.27
CA LYS B 74 -28.03 9.28 3.36
C LYS B 74 -27.21 8.08 3.84
N PRO B 75 -25.89 8.28 4.09
CA PRO B 75 -25.02 7.22 4.61
C PRO B 75 -25.58 6.54 5.88
N GLU B 76 -26.17 7.32 6.80
CA GLU B 76 -26.73 6.81 8.09
C GLU B 76 -27.86 5.83 7.81
N ALA B 77 -28.68 6.05 6.77
CA ALA B 77 -29.83 5.18 6.45
C ALA B 77 -29.32 3.86 5.86
N PHE B 78 -28.31 3.87 5.00
CA PHE B 78 -27.72 2.63 4.42
C PHE B 78 -27.17 1.77 5.59
N SER B 79 -26.53 2.43 6.56
CA SER B 79 -25.89 1.75 7.71
C SER B 79 -26.97 1.11 8.59
N GLN B 80 -28.03 1.84 8.92
CA GLN B 80 -29.09 1.32 9.83
C GLN B 80 -29.86 0.19 9.12
N GLU B 81 -30.12 0.32 7.82
CA GLU B 81 -30.95 -0.65 7.08
C GLU B 81 -30.17 -1.90 6.70
N PHE B 82 -28.87 -1.81 6.36
CA PHE B 82 -28.16 -2.93 5.69
C PHE B 82 -26.79 -3.22 6.35
N GLY B 83 -26.53 -2.64 7.52
CA GLY B 83 -25.17 -2.56 8.12
C GLY B 83 -24.60 -3.90 8.58
N ASP B 84 -25.42 -4.94 8.79
CA ASP B 84 -24.90 -6.24 9.30
C ASP B 84 -24.59 -7.18 8.12
N GLN B 85 -24.70 -6.73 6.86
CA GLN B 85 -24.28 -7.55 5.71
C GLN B 85 -22.74 -7.63 5.63
N ASP B 86 -22.23 -8.72 5.08
CA ASP B 86 -20.78 -8.94 4.92
C ASP B 86 -20.40 -8.45 3.52
N VAL B 87 -19.22 -7.84 3.39
CA VAL B 87 -18.83 -7.20 2.11
C VAL B 87 -17.29 -7.13 1.99
N ASP B 88 -16.79 -6.93 0.79
CA ASP B 88 -15.35 -6.61 0.57
C ASP B 88 -15.20 -5.12 0.29
N LEU B 89 -14.09 -4.54 0.73
CA LEU B 89 -13.69 -3.13 0.40
C LEU B 89 -12.36 -3.18 -0.37
N VAL B 90 -12.06 -2.10 -1.12
CA VAL B 90 -10.77 -1.87 -1.82
C VAL B 90 -10.12 -0.62 -1.22
N ASN B 91 -8.83 -0.75 -0.88
CA ASN B 91 -7.93 0.36 -0.47
C ASN B 91 -7.53 1.07 -1.78
N CYS B 92 -8.06 2.28 -2.04
CA CYS B 92 -7.80 3.04 -3.30
C CYS B 92 -6.30 3.31 -3.51
N ARG B 93 -5.50 3.44 -2.43
CA ARG B 93 -4.05 3.81 -2.56
C ARG B 93 -3.23 2.62 -3.12
N ASN B 94 -3.54 1.37 -2.78
CA ASN B 94 -2.68 0.22 -3.19
C ASN B 94 -3.48 -0.90 -3.88
N CYS B 95 -4.77 -0.72 -4.12
CA CYS B 95 -5.70 -1.70 -4.77
C CYS B 95 -5.87 -2.98 -3.95
N ALA B 96 -5.44 -3.05 -2.69
CA ALA B 96 -5.60 -4.26 -1.84
C ALA B 96 -7.08 -4.47 -1.48
N ILE B 97 -7.52 -5.72 -1.44
CA ILE B 97 -8.90 -6.08 -1.03
C ILE B 97 -8.93 -6.33 0.48
N ILE B 98 -9.83 -5.67 1.20
CA ILE B 98 -10.11 -5.94 2.64
C ILE B 98 -11.37 -6.83 2.65
N SER B 99 -11.22 -8.14 2.85
CA SER B 99 -12.32 -9.11 2.62
C SER B 99 -13.17 -9.35 3.87
N ASP B 100 -14.48 -9.47 3.65
CA ASP B 100 -15.42 -10.01 4.64
C ASP B 100 -15.45 -9.14 5.89
N VAL B 101 -15.70 -7.85 5.74
CA VAL B 101 -16.04 -6.96 6.88
C VAL B 101 -17.53 -6.59 6.79
N LYS B 102 -18.02 -5.79 7.74
CA LYS B 102 -19.46 -5.37 7.81
C LYS B 102 -19.67 -4.08 6.99
N VAL B 103 -20.80 -4.01 6.27
CA VAL B 103 -21.27 -2.81 5.51
C VAL B 103 -21.23 -1.61 6.46
N ARG B 104 -21.60 -1.76 7.76
CA ARG B 104 -21.58 -0.61 8.70
C ARG B 104 -20.15 -0.09 8.94
N ASP B 105 -19.10 -0.92 8.78
CA ASP B 105 -17.71 -0.42 9.04
C ASP B 105 -17.27 0.48 7.87
N PHE B 106 -17.86 0.35 6.67
CA PHE B 106 -17.65 1.34 5.56
C PHE B 106 -18.44 2.62 5.86
N TRP B 107 -19.74 2.53 6.09
CA TRP B 107 -20.64 3.71 6.18
C TRP B 107 -20.33 4.54 7.45
N ASP B 108 -19.95 3.93 8.57
CA ASP B 108 -19.77 4.71 9.83
C ASP B 108 -18.53 5.61 9.73
N GLY B 109 -17.60 5.34 8.80
CA GLY B 109 -16.43 6.18 8.52
C GLY B 109 -16.58 7.08 7.29
N PHE B 110 -17.75 7.10 6.65
CA PHE B 110 -17.94 7.85 5.38
C PHE B 110 -17.55 9.33 5.55
N GLU B 111 -17.95 9.95 6.68
CA GLU B 111 -17.67 11.38 6.95
C GLU B 111 -16.87 11.58 8.24
N ILE B 112 -16.78 10.58 9.14
CA ILE B 112 -15.94 10.66 10.39
C ILE B 112 -14.63 9.89 10.18
N ILE B 113 -13.54 10.59 9.96
CA ILE B 113 -12.24 10.01 9.51
C ILE B 113 -11.64 9.13 10.64
N CYS B 114 -11.80 9.51 11.91
CA CYS B 114 -11.17 8.77 13.03
C CYS B 114 -11.83 7.37 13.15
N LYS B 115 -13.02 7.16 12.56
CA LYS B 115 -13.78 5.89 12.62
C LYS B 115 -13.34 4.93 11.51
N ARG B 116 -12.49 5.32 10.58
CA ARG B 116 -12.14 4.49 9.41
C ARG B 116 -11.20 3.36 9.80
N LEU B 117 -11.34 2.21 9.11
CA LEU B 117 -10.29 1.15 9.07
C LEU B 117 -8.95 1.75 8.66
N ARG B 118 -7.88 1.33 9.33
CA ARG B 118 -6.48 1.79 9.13
C ARG B 118 -5.60 0.80 8.39
N SER B 119 -4.57 1.32 7.73
CA SER B 119 -3.52 0.56 7.04
C SER B 119 -2.40 0.29 8.07
N GLU B 120 -1.45 -0.54 7.67
CA GLU B 120 -0.23 -0.96 8.44
C GLU B 120 0.49 0.29 9.02
N ASP B 121 0.42 1.44 8.36
CA ASP B 121 1.12 2.68 8.79
C ASP B 121 0.31 3.46 9.83
N GLY B 122 -0.82 2.91 10.32
CA GLY B 122 -1.70 3.59 11.28
C GLY B 122 -2.57 4.70 10.70
N GLN B 123 -2.53 4.93 9.37
CA GLN B 123 -3.31 6.03 8.73
C GLN B 123 -4.71 5.51 8.40
N PRO B 124 -5.75 6.36 8.47
CA PRO B 124 -7.09 6.01 7.98
C PRO B 124 -7.04 5.73 6.47
N MET B 125 -7.68 4.65 6.02
CA MET B 125 -7.65 4.27 4.59
C MET B 125 -8.72 5.05 3.82
N VAL B 126 -8.42 5.29 2.55
CA VAL B 126 -9.42 5.75 1.53
C VAL B 126 -10.00 4.49 0.88
N LEU B 127 -11.27 4.20 1.16
CA LEU B 127 -11.89 2.91 0.80
C LEU B 127 -13.01 3.10 -0.23
N LYS B 128 -13.19 2.10 -1.09
CA LYS B 128 -14.42 1.96 -1.93
C LYS B 128 -15.12 0.65 -1.61
N LEU B 129 -16.44 0.70 -1.52
CA LEU B 129 -17.28 -0.48 -1.29
C LEU B 129 -17.36 -1.25 -2.63
N LYS B 130 -16.97 -2.51 -2.64
CA LYS B 130 -16.95 -3.33 -3.87
C LYS B 130 -18.29 -4.07 -4.04
N ASP B 131 -18.83 -4.01 -5.25
CA ASP B 131 -19.93 -4.89 -5.74
C ASP B 131 -21.10 -4.88 -4.74
N TRP B 132 -21.62 -3.69 -4.43
CA TRP B 132 -22.70 -3.50 -3.44
C TRP B 132 -23.73 -2.47 -3.91
N PRO B 133 -25.05 -2.82 -3.89
CA PRO B 133 -25.52 -4.18 -3.73
C PRO B 133 -24.94 -5.12 -4.78
N PRO B 134 -24.79 -6.41 -4.44
CA PRO B 134 -24.11 -7.37 -5.29
C PRO B 134 -24.89 -7.73 -6.56
N GLY B 135 -24.14 -7.90 -7.66
CA GLY B 135 -24.67 -8.33 -8.97
C GLY B 135 -25.79 -7.41 -9.39
N GLU B 136 -27.00 -7.94 -9.54
CA GLU B 136 -28.20 -7.21 -10.02
C GLU B 136 -29.22 -7.17 -8.89
N ASP B 137 -28.77 -7.20 -7.63
CA ASP B 137 -29.69 -7.27 -6.46
C ASP B 137 -30.26 -5.90 -6.09
N PHE B 138 -29.87 -4.82 -6.79
CA PHE B 138 -30.23 -3.43 -6.41
C PHE B 138 -31.75 -3.32 -6.34
N ARG B 139 -32.48 -3.80 -7.35
CA ARG B 139 -33.97 -3.76 -7.40
C ARG B 139 -34.58 -4.54 -6.23
N ASP B 140 -34.11 -5.74 -5.93
CA ASP B 140 -34.69 -6.62 -4.88
C ASP B 140 -34.32 -6.12 -3.49
N MET B 141 -33.09 -5.62 -3.29
CA MET B 141 -32.63 -5.22 -1.94
C MET B 141 -33.19 -3.84 -1.58
N MET B 142 -33.34 -2.95 -2.57
CA MET B 142 -33.61 -1.50 -2.35
C MET B 142 -34.73 -1.02 -3.29
N PRO B 143 -35.93 -1.63 -3.25
CA PRO B 143 -37.00 -1.26 -4.19
C PRO B 143 -37.43 0.20 -4.18
N THR B 144 -37.49 0.84 -3.01
CA THR B 144 -37.91 2.27 -2.91
C THR B 144 -36.83 3.18 -3.53
N ARG B 145 -35.54 2.87 -3.35
CA ARG B 145 -34.41 3.60 -4.02
C ARG B 145 -34.46 3.36 -5.53
N PHE B 146 -34.72 2.14 -5.98
CA PHE B 146 -34.85 1.84 -7.43
C PHE B 146 -35.90 2.76 -8.06
N GLU B 147 -37.08 2.83 -7.45
CA GLU B 147 -38.24 3.62 -7.99
C GLU B 147 -37.90 5.11 -7.95
N ASP B 148 -37.29 5.60 -6.88
CA ASP B 148 -36.91 7.04 -6.73
C ASP B 148 -35.94 7.43 -7.87
N LEU B 149 -34.89 6.64 -8.10
CA LEU B 149 -33.92 6.93 -9.18
C LEU B 149 -34.56 6.83 -10.58
N MET B 150 -35.21 5.71 -10.92
CA MET B 150 -35.67 5.45 -12.32
C MET B 150 -36.72 6.47 -12.74
N GLU B 151 -37.60 6.93 -11.83
CA GLU B 151 -38.67 7.90 -12.16
C GLU B 151 -38.06 9.28 -12.41
N ASN B 152 -36.82 9.54 -11.97
CA ASN B 152 -36.29 10.92 -12.01
C ASN B 152 -35.01 11.02 -12.86
N LEU B 153 -34.68 9.98 -13.62
CA LEU B 153 -33.52 10.02 -14.54
C LEU B 153 -33.82 11.06 -15.63
N PRO B 154 -32.84 11.94 -15.94
CA PRO B 154 -33.00 12.87 -17.05
C PRO B 154 -32.90 12.16 -18.40
N LEU B 155 -33.30 12.87 -19.46
CA LEU B 155 -33.40 12.32 -20.84
C LEU B 155 -34.03 10.92 -20.79
N PRO B 156 -35.24 10.80 -20.21
CA PRO B 156 -35.86 9.50 -20.01
C PRO B 156 -36.18 8.68 -21.28
N GLU B 157 -36.43 9.32 -22.42
CA GLU B 157 -36.66 8.59 -23.70
C GLU B 157 -35.40 7.80 -24.06
N TYR B 158 -34.22 8.23 -23.55
CA TYR B 158 -32.90 7.62 -23.79
C TYR B 158 -32.54 6.64 -22.66
N THR B 159 -32.87 6.98 -21.40
CA THR B 159 -32.26 6.33 -20.19
C THR B 159 -33.20 5.30 -19.55
N LYS B 160 -34.53 5.42 -19.63
CA LYS B 160 -35.43 4.40 -19.00
C LYS B 160 -35.51 3.13 -19.87
N ARG B 161 -35.81 1.98 -19.27
N ARG B 161 -35.83 2.00 -19.26
CA ARG B 161 -35.89 0.68 -20.01
CA ARG B 161 -35.92 0.67 -19.93
C ARG B 161 -36.87 0.80 -21.18
C ARG B 161 -36.89 0.74 -21.13
N ASP B 162 -38.05 1.37 -20.95
CA ASP B 162 -39.10 1.45 -22.01
C ASP B 162 -39.06 2.82 -22.68
N GLY B 163 -37.96 3.56 -22.57
CA GLY B 163 -37.73 4.79 -23.35
C GLY B 163 -37.90 4.56 -24.86
N ARG B 164 -38.49 5.52 -25.55
CA ARG B 164 -38.72 5.47 -27.03
C ARG B 164 -37.38 5.21 -27.75
N LEU B 165 -36.28 5.84 -27.30
CA LEU B 165 -34.97 5.78 -28.02
C LEU B 165 -33.93 4.95 -27.25
N ASN B 166 -34.31 4.16 -26.23
CA ASN B 166 -33.41 3.18 -25.59
C ASN B 166 -33.58 1.85 -26.34
N LEU B 167 -32.53 1.37 -26.98
CA LEU B 167 -32.58 0.10 -27.79
C LEU B 167 -32.19 -1.13 -26.97
N ALA B 168 -31.73 -0.97 -25.73
CA ALA B 168 -31.12 -2.08 -24.94
C ALA B 168 -32.06 -3.29 -24.80
N SER B 169 -33.36 -3.08 -24.53
CA SER B 169 -34.27 -4.24 -24.31
C SER B 169 -34.67 -4.94 -25.62
N ARG B 170 -34.42 -4.33 -26.78
CA ARG B 170 -34.82 -4.88 -28.11
C ARG B 170 -33.67 -5.56 -28.86
N LEU B 171 -32.42 -5.18 -28.63
CA LEU B 171 -31.28 -5.71 -29.43
C LEU B 171 -30.75 -7.03 -28.91
N PRO B 172 -30.25 -7.89 -29.84
CA PRO B 172 -29.52 -9.11 -29.49
C PRO B 172 -28.22 -8.92 -28.69
N SER B 173 -27.69 -10.03 -28.15
CA SER B 173 -26.55 -10.02 -27.20
C SER B 173 -25.26 -9.53 -27.88
N TYR B 174 -25.18 -9.54 -29.22
CA TYR B 174 -23.96 -9.07 -29.95
C TYR B 174 -23.88 -7.52 -29.96
N PHE B 175 -24.90 -6.82 -29.43
CA PHE B 175 -24.90 -5.33 -29.26
C PHE B 175 -24.81 -4.96 -27.77
N VAL B 176 -25.41 -5.74 -26.86
CA VAL B 176 -25.67 -5.29 -25.45
C VAL B 176 -25.93 -6.51 -24.54
N ARG B 177 -25.42 -6.44 -23.30
CA ARG B 177 -25.70 -7.41 -22.23
C ARG B 177 -27.20 -7.34 -21.89
N PRO B 178 -27.87 -8.46 -21.61
CA PRO B 178 -29.30 -8.41 -21.28
C PRO B 178 -29.63 -7.88 -19.86
N ASP B 179 -30.87 -7.39 -19.69
CA ASP B 179 -31.49 -7.02 -18.39
C ASP B 179 -30.60 -6.02 -17.61
N LEU B 180 -30.36 -4.83 -18.18
CA LEU B 180 -29.55 -3.75 -17.54
C LEU B 180 -30.35 -3.21 -16.33
N GLY B 181 -29.66 -2.97 -15.21
CA GLY B 181 -30.23 -2.35 -13.99
C GLY B 181 -29.19 -1.45 -13.37
N PRO B 182 -29.57 -0.56 -12.43
CA PRO B 182 -28.67 0.44 -11.88
C PRO B 182 -27.62 -0.19 -10.97
N LYS B 183 -26.46 0.47 -10.90
CA LYS B 183 -25.32 0.05 -10.04
C LYS B 183 -24.94 1.25 -9.16
N MET B 184 -24.52 0.98 -7.95
CA MET B 184 -24.16 2.00 -6.93
C MET B 184 -22.64 2.07 -6.82
N TYR B 185 -22.02 3.26 -6.77
CA TYR B 185 -20.56 3.47 -6.69
C TYR B 185 -20.25 4.34 -5.47
N ASN B 186 -19.70 3.72 -4.41
CA ASN B 186 -19.64 4.32 -3.06
C ASN B 186 -18.17 4.33 -2.61
N ALA B 187 -17.57 5.49 -2.37
CA ALA B 187 -16.14 5.55 -2.04
C ALA B 187 -15.84 6.82 -1.26
N TYR B 188 -14.82 6.77 -0.40
CA TYR B 188 -14.35 7.93 0.38
C TYR B 188 -13.66 8.93 -0.57
N GLY B 189 -13.52 10.19 -0.13
CA GLY B 189 -12.66 11.21 -0.81
C GLY B 189 -11.17 10.92 -0.67
N LEU B 190 -10.39 11.16 -1.72
CA LEU B 190 -8.90 11.21 -1.67
C LEU B 190 -8.45 12.50 -0.97
N ILE B 191 -7.30 12.50 -0.26
CA ILE B 191 -7.03 13.46 0.86
C ILE B 191 -5.68 14.18 0.70
N THR B 192 -4.60 13.43 0.48
CA THR B 192 -3.20 13.94 0.60
C THR B 192 -2.69 14.45 -0.74
N ALA B 193 -1.53 15.08 -0.71
CA ALA B 193 -0.82 15.54 -1.92
C ALA B 193 -0.41 14.33 -2.76
N GLU B 194 0.02 13.23 -2.13
CA GLU B 194 0.36 11.99 -2.86
C GLU B 194 -0.91 11.37 -3.47
N ASP B 195 -2.07 11.61 -2.86
CA ASP B 195 -3.38 11.08 -3.34
C ASP B 195 -3.81 11.78 -4.65
N ARG B 196 -3.20 12.91 -5.01
CA ARG B 196 -3.59 13.67 -6.24
C ARG B 196 -3.39 12.81 -7.49
N ARG B 197 -2.40 11.91 -7.48
CA ARG B 197 -2.05 11.03 -8.63
C ARG B 197 -2.81 9.69 -8.57
N VAL B 198 -3.78 9.52 -7.68
CA VAL B 198 -4.51 8.25 -7.48
C VAL B 198 -5.92 8.42 -8.06
N GLY B 199 -6.48 7.39 -8.70
CA GLY B 199 -7.89 7.39 -9.13
C GLY B 199 -8.77 6.68 -8.11
N THR B 200 -10.01 7.15 -7.93
CA THR B 200 -11.11 6.35 -7.34
C THR B 200 -11.43 5.22 -8.33
N THR B 201 -11.60 5.57 -9.61
CA THR B 201 -11.86 4.59 -10.70
C THR B 201 -10.81 4.83 -11.78
N ASN B 202 -9.98 3.85 -12.09
CA ASN B 202 -8.85 4.06 -13.03
C ASN B 202 -9.42 4.19 -14.46
N LEU B 203 -8.60 4.71 -15.36
CA LEU B 203 -8.93 4.92 -16.78
C LEU B 203 -9.43 3.62 -17.39
N HIS B 204 -10.62 3.65 -18.00
CA HIS B 204 -11.20 2.46 -18.66
C HIS B 204 -12.22 2.92 -19.71
N LEU B 205 -12.77 1.99 -20.52
CA LEU B 205 -13.99 2.33 -21.31
C LEU B 205 -15.11 1.33 -20.99
N ASP B 206 -16.36 1.70 -21.29
CA ASP B 206 -17.56 0.81 -21.14
C ASP B 206 -18.12 0.53 -22.53
N VAL B 207 -18.72 -0.66 -22.72
CA VAL B 207 -19.23 -1.12 -24.04
C VAL B 207 -20.63 -0.57 -24.35
N SER B 208 -21.33 0.06 -23.40
CA SER B 208 -22.63 0.72 -23.66
C SER B 208 -22.52 2.20 -23.32
N ASP B 209 -23.54 2.97 -23.68
CA ASP B 209 -23.75 4.34 -23.14
C ASP B 209 -24.09 4.22 -21.65
N ALA B 210 -23.85 5.27 -20.84
CA ALA B 210 -24.23 5.32 -19.41
C ALA B 210 -24.55 6.74 -18.96
N VAL B 211 -25.35 6.83 -17.92
CA VAL B 211 -25.58 8.07 -17.14
C VAL B 211 -25.20 7.78 -15.67
N ASN B 212 -24.45 8.69 -15.08
CA ASN B 212 -23.94 8.58 -13.69
C ASN B 212 -24.49 9.75 -12.88
N VAL B 213 -25.32 9.51 -11.88
CA VAL B 213 -25.93 10.59 -11.03
C VAL B 213 -25.26 10.67 -9.64
N MET B 214 -24.83 11.85 -9.26
CA MET B 214 -24.29 12.13 -7.89
C MET B 214 -25.47 12.32 -6.95
N VAL B 215 -25.74 11.37 -6.04
CA VAL B 215 -26.95 11.47 -5.16
C VAL B 215 -26.60 11.94 -3.73
N TYR B 216 -25.34 11.92 -3.34
CA TYR B 216 -24.92 12.37 -1.97
C TYR B 216 -23.43 12.69 -1.99
N VAL B 217 -23.06 13.80 -1.36
CA VAL B 217 -21.65 14.22 -1.16
C VAL B 217 -21.44 14.50 0.34
N GLY B 218 -20.46 13.80 0.93
CA GLY B 218 -20.15 13.86 2.37
C GLY B 218 -18.83 14.55 2.60
N ILE B 219 -18.90 15.73 3.19
CA ILE B 219 -17.73 16.60 3.49
C ILE B 219 -17.41 16.42 4.98
N PRO B 220 -16.26 15.80 5.36
CA PRO B 220 -15.89 15.71 6.78
C PRO B 220 -15.55 17.10 7.35
N ILE B 221 -15.75 17.35 8.66
CA ILE B 221 -15.19 18.55 9.37
C ILE B 221 -13.98 18.13 10.23
N ALA B 225 -11.67 22.75 7.82
CA ALA B 225 -11.73 22.81 6.35
C ALA B 225 -10.33 22.50 5.77
N HIS B 226 -10.11 21.24 5.35
CA HIS B 226 -8.93 20.79 4.57
C HIS B 226 -9.31 20.83 3.07
N ASP B 227 -10.15 21.79 2.69
CA ASP B 227 -10.45 22.19 1.29
C ASP B 227 -9.17 22.71 0.61
N GLU B 228 -8.03 22.67 1.30
CA GLU B 228 -6.72 23.18 0.82
C GLU B 228 -6.28 22.35 -0.38
N GLU B 229 -6.12 21.04 -0.16
CA GLU B 229 -5.65 20.08 -1.19
C GLU B 229 -6.73 19.95 -2.28
N VAL B 230 -8.01 20.06 -1.90
CA VAL B 230 -9.15 20.01 -2.87
C VAL B 230 -9.03 21.18 -3.87
N LEU B 231 -8.85 22.44 -3.42
CA LEU B 231 -8.73 23.60 -4.36
C LEU B 231 -7.50 23.46 -5.27
N LYS B 232 -6.38 22.95 -4.77
CA LYS B 232 -5.17 22.73 -5.60
C LYS B 232 -5.43 21.60 -6.62
N THR B 233 -6.17 20.55 -6.24
CA THR B 233 -6.44 19.37 -7.11
C THR B 233 -7.36 19.81 -8.27
N ILE B 234 -8.27 20.75 -8.02
CA ILE B 234 -9.25 21.30 -9.01
C ILE B 234 -8.46 22.03 -10.10
N ASP B 235 -7.53 22.87 -9.64
CA ASP B 235 -6.70 23.75 -10.50
C ASP B 235 -5.81 22.92 -11.44
N GLU B 236 -4.92 22.11 -10.86
CA GLU B 236 -3.98 21.17 -11.54
C GLU B 236 -4.79 20.22 -12.45
N GLY B 237 -6.01 19.84 -11.99
CA GLY B 237 -6.98 18.99 -12.72
C GLY B 237 -7.37 19.60 -14.05
N ASP B 238 -7.23 20.93 -14.21
CA ASP B 238 -7.45 21.71 -15.47
C ASP B 238 -8.93 22.05 -15.61
N ALA B 239 -9.67 22.19 -14.51
CA ALA B 239 -11.07 22.68 -14.55
C ALA B 239 -11.07 24.11 -15.12
N ASP B 240 -12.21 24.55 -15.65
CA ASP B 240 -12.36 25.89 -16.28
C ASP B 240 -12.61 26.91 -15.18
N GLU B 241 -12.59 28.22 -15.49
CA GLU B 241 -12.53 29.30 -14.45
C GLU B 241 -13.88 29.47 -13.77
N VAL B 242 -14.98 29.31 -14.49
CA VAL B 242 -16.36 29.38 -13.91
C VAL B 242 -16.43 28.33 -12.78
N THR B 243 -15.91 27.13 -13.02
CA THR B 243 -15.97 25.98 -12.08
C THR B 243 -15.10 26.30 -10.85
N LYS B 244 -13.89 26.79 -11.07
CA LYS B 244 -12.95 27.20 -9.98
C LYS B 244 -13.59 28.30 -9.13
N GLU B 245 -13.99 29.41 -9.74
CA GLU B 245 -14.57 30.56 -9.00
C GLU B 245 -15.89 30.09 -8.41
N ARG B 246 -16.45 28.99 -8.92
CA ARG B 246 -17.79 28.49 -8.51
C ARG B 246 -17.73 27.68 -7.21
N ILE B 247 -16.56 27.21 -6.79
CA ILE B 247 -16.48 26.52 -5.47
C ILE B 247 -16.31 27.52 -4.30
N HIS B 248 -16.59 28.81 -4.55
CA HIS B 248 -16.69 29.89 -3.51
C HIS B 248 -17.46 31.10 -4.05
N ASP B 249 -18.36 30.90 -5.02
CA ASP B 249 -19.34 31.93 -5.50
C ASP B 249 -20.72 31.56 -4.97
N HIS B 250 -21.02 30.25 -4.97
CA HIS B 250 -22.14 29.59 -4.23
C HIS B 250 -21.52 28.88 -3.03
N LYS B 251 -22.25 27.94 -2.40
CA LYS B 251 -21.64 26.94 -1.47
C LYS B 251 -22.17 25.55 -1.85
N GLU B 252 -21.97 25.14 -3.11
CA GLU B 252 -22.35 23.79 -3.59
C GLU B 252 -21.36 22.79 -3.01
N LYS B 253 -21.65 21.52 -3.23
CA LYS B 253 -20.85 20.38 -2.75
C LYS B 253 -20.20 19.71 -3.96
N PRO B 254 -18.93 20.01 -4.26
CA PRO B 254 -18.20 19.32 -5.33
C PRO B 254 -17.88 17.87 -4.92
N GLY B 255 -18.27 16.90 -5.74
CA GLY B 255 -18.12 15.46 -5.38
C GLY B 255 -16.89 14.83 -6.02
N ALA B 256 -16.74 14.91 -7.34
CA ALA B 256 -15.66 14.19 -8.02
C ALA B 256 -15.14 14.94 -9.25
N LEU B 257 -13.89 14.67 -9.57
CA LEU B 257 -13.18 15.20 -10.74
C LEU B 257 -13.06 14.07 -11.76
N TRP B 258 -13.66 14.29 -12.93
CA TRP B 258 -13.61 13.35 -14.06
C TRP B 258 -12.64 13.86 -15.12
N HIS B 259 -11.96 12.96 -15.81
CA HIS B 259 -11.38 13.22 -17.16
C HIS B 259 -12.00 12.24 -18.16
N ILE B 260 -12.67 12.75 -19.19
CA ILE B 260 -13.33 11.97 -20.26
C ILE B 260 -12.66 12.29 -21.60
N TYR B 261 -12.38 11.26 -22.39
CA TYR B 261 -11.79 11.36 -23.77
C TYR B 261 -12.80 10.85 -24.81
N ALA B 262 -12.74 11.39 -26.02
CA ALA B 262 -13.56 10.91 -27.16
C ALA B 262 -13.25 9.44 -27.50
N ALA B 263 -14.26 8.64 -27.83
CA ALA B 263 -14.10 7.23 -28.27
C ALA B 263 -13.06 7.16 -29.42
N LYS B 264 -13.04 8.14 -30.33
CA LYS B 264 -12.09 8.08 -31.50
C LYS B 264 -10.63 8.29 -31.07
N ASP B 265 -10.34 8.75 -29.83
CA ASP B 265 -8.95 9.00 -29.35
C ASP B 265 -8.42 7.84 -28.50
N ALA B 266 -9.17 6.73 -28.35
CA ALA B 266 -8.76 5.60 -27.48
C ALA B 266 -7.41 5.03 -27.95
N GLU B 267 -7.20 4.84 -29.26
CA GLU B 267 -5.99 4.12 -29.76
C GLU B 267 -4.75 5.00 -29.53
N LYS B 268 -4.86 6.31 -29.69
CA LYS B 268 -3.73 7.25 -29.38
C LYS B 268 -3.39 7.16 -27.90
N ILE B 269 -4.39 7.00 -27.02
CA ILE B 269 -4.14 6.87 -25.55
C ILE B 269 -3.42 5.54 -25.33
N ARG B 270 -3.81 4.49 -26.06
CA ARG B 270 -3.16 3.16 -25.93
C ARG B 270 -1.68 3.27 -26.35
N GLU B 271 -1.39 3.99 -27.41
CA GLU B 271 0.01 4.21 -27.88
C GLU B 271 0.82 4.85 -26.75
N LEU B 272 0.30 5.93 -26.12
CA LEU B 272 1.05 6.67 -25.09
C LEU B 272 1.38 5.71 -23.94
N LEU B 273 0.40 4.96 -23.45
CA LEU B 273 0.56 4.12 -22.23
C LEU B 273 1.37 2.84 -22.53
N ARG B 274 1.39 2.33 -23.76
CA ARG B 274 2.35 1.25 -24.16
C ARG B 274 3.78 1.82 -24.02
N LYS B 275 4.03 3.02 -24.53
CA LYS B 275 5.37 3.67 -24.46
C LYS B 275 5.74 3.85 -22.98
N VAL B 276 4.92 4.56 -22.20
CA VAL B 276 5.22 4.95 -20.80
C VAL B 276 5.45 3.69 -19.96
N GLY B 277 4.69 2.62 -20.22
CA GLY B 277 4.80 1.34 -19.51
C GLY B 277 6.15 0.68 -19.79
N GLU B 278 6.62 0.78 -21.04
CA GLU B 278 7.94 0.30 -21.50
C GLU B 278 9.04 1.05 -20.74
N GLU B 279 8.91 2.39 -20.62
CA GLU B 279 9.89 3.28 -19.91
C GLU B 279 9.94 2.93 -18.42
N GLN B 280 8.87 2.34 -17.86
CA GLN B 280 8.76 2.08 -16.40
C GLN B 280 9.13 0.63 -16.07
N GLY B 281 9.59 -0.16 -17.05
CA GLY B 281 10.06 -1.54 -16.81
C GLY B 281 9.11 -2.59 -17.35
N GLN B 282 7.80 -2.36 -17.32
CA GLN B 282 6.78 -3.35 -17.76
C GLN B 282 7.24 -4.06 -19.05
N GLU B 283 7.09 -5.38 -19.10
CA GLU B 283 7.29 -6.22 -20.32
C GLU B 283 5.91 -6.63 -20.84
N ASN B 284 5.47 -6.03 -21.95
CA ASN B 284 4.10 -6.20 -22.51
C ASN B 284 4.25 -6.52 -23.99
N PRO B 285 3.41 -7.41 -24.57
CA PRO B 285 3.34 -7.57 -26.03
C PRO B 285 2.92 -6.27 -26.74
N PRO B 286 3.17 -6.13 -28.06
CA PRO B 286 2.78 -4.92 -28.79
C PRO B 286 1.24 -4.83 -28.94
N ASP B 287 0.56 -5.97 -28.77
CA ASP B 287 -0.92 -6.15 -28.76
C ASP B 287 -1.55 -5.42 -27.58
N HIS B 288 -0.83 -5.38 -26.46
CA HIS B 288 -1.34 -5.10 -25.10
C HIS B 288 -2.26 -3.87 -25.07
N ASP B 289 -3.34 -3.96 -24.28
CA ASP B 289 -4.41 -2.93 -24.19
C ASP B 289 -4.41 -2.34 -22.79
N PRO B 290 -3.69 -1.22 -22.56
CA PRO B 290 -3.63 -0.56 -21.26
C PRO B 290 -4.98 0.02 -20.75
N ILE B 291 -5.93 0.28 -21.67
CA ILE B 291 -7.28 0.77 -21.28
C ILE B 291 -8.06 -0.42 -20.70
N HIS B 292 -8.02 -1.58 -21.37
CA HIS B 292 -8.64 -2.85 -20.90
C HIS B 292 -8.06 -3.25 -19.53
N ASP B 293 -6.76 -2.99 -19.30
CA ASP B 293 -6.10 -3.37 -18.02
C ASP B 293 -6.67 -2.62 -16.81
N GLN B 294 -7.22 -1.40 -17.01
CA GLN B 294 -7.77 -0.56 -15.92
C GLN B 294 -6.70 -0.35 -14.82
N SER B 295 -5.43 -0.21 -15.19
CA SER B 295 -4.29 -0.11 -14.23
C SER B 295 -3.72 1.32 -14.15
N TRP B 296 -4.18 2.26 -14.99
CA TRP B 296 -3.60 3.62 -15.14
C TRP B 296 -4.52 4.72 -14.59
N TYR B 297 -3.93 5.73 -13.97
CA TYR B 297 -4.60 7.03 -13.75
C TYR B 297 -3.76 8.14 -14.37
N LEU B 298 -4.34 8.91 -15.29
CA LEU B 298 -3.60 9.99 -16.00
C LEU B 298 -3.47 11.20 -15.06
N ASP B 299 -2.28 11.35 -14.47
CA ASP B 299 -1.95 12.49 -13.57
C ASP B 299 -1.62 13.70 -14.45
N GLN B 300 -1.27 14.82 -13.86
CA GLN B 300 -1.02 16.05 -14.64
C GLN B 300 0.10 15.82 -15.67
N THR B 301 1.17 15.13 -15.30
CA THR B 301 2.32 14.90 -16.22
C THR B 301 1.83 14.13 -17.44
N LEU B 302 1.10 13.04 -17.20
CA LEU B 302 0.65 12.17 -18.32
C LEU B 302 -0.39 12.93 -19.18
N ARG B 303 -1.31 13.70 -18.59
CA ARG B 303 -2.34 14.45 -19.38
C ARG B 303 -1.65 15.47 -20.29
N LYS B 304 -0.61 16.15 -19.81
CA LYS B 304 0.08 17.20 -20.61
C LYS B 304 0.79 16.55 -21.80
N ARG B 305 1.48 15.43 -21.57
CA ARG B 305 2.19 14.61 -22.58
C ARG B 305 1.23 14.02 -23.62
N LEU B 306 0.04 13.53 -23.20
CA LEU B 306 -1.02 13.09 -24.16
C LEU B 306 -1.32 14.23 -25.12
N TYR B 307 -1.54 15.45 -24.62
CA TYR B 307 -1.89 16.63 -25.46
C TYR B 307 -0.75 16.95 -26.44
N GLU B 308 0.45 17.16 -25.87
N GLU B 308 0.47 17.14 -25.90
CA GLU B 308 1.70 17.54 -26.58
CA GLU B 308 1.65 17.60 -26.68
C GLU B 308 2.02 16.51 -27.67
C GLU B 308 2.05 16.52 -27.70
N GLU B 309 2.22 15.25 -27.28
CA GLU B 309 2.70 14.18 -28.19
C GLU B 309 1.62 13.75 -29.18
N TYR B 310 0.33 13.73 -28.83
CA TYR B 310 -0.71 13.09 -29.69
C TYR B 310 -1.84 14.05 -30.08
N GLY B 311 -1.90 15.27 -29.54
CA GLY B 311 -2.97 16.23 -29.90
C GLY B 311 -4.27 15.96 -29.15
N VAL B 312 -4.27 15.08 -28.15
CA VAL B 312 -5.54 14.63 -27.48
C VAL B 312 -5.80 15.47 -26.22
N GLN B 313 -6.96 16.12 -26.17
CA GLN B 313 -7.32 17.14 -25.15
C GLN B 313 -8.17 16.54 -24.01
N GLY B 314 -9.36 16.01 -24.29
CA GLY B 314 -10.26 15.50 -23.22
C GLY B 314 -10.98 16.59 -22.41
N TRP B 315 -11.97 16.20 -21.60
CA TRP B 315 -12.88 17.10 -20.83
C TRP B 315 -12.61 16.90 -19.33
N ALA B 316 -12.24 17.95 -18.57
CA ALA B 316 -12.09 17.92 -17.09
C ALA B 316 -13.39 18.45 -16.48
N ILE B 317 -14.16 17.56 -15.85
CA ILE B 317 -15.52 17.85 -15.34
C ILE B 317 -15.53 17.66 -13.81
N VAL B 318 -16.04 18.64 -13.10
CA VAL B 318 -16.40 18.54 -11.67
C VAL B 318 -17.90 18.24 -11.55
N GLN B 319 -18.19 17.06 -10.96
CA GLN B 319 -19.58 16.58 -10.74
C GLN B 319 -19.95 17.01 -9.33
N PHE B 320 -20.92 17.90 -9.21
CA PHE B 320 -21.46 18.34 -7.91
C PHE B 320 -22.65 17.48 -7.55
N LEU B 321 -23.15 17.60 -6.31
CA LEU B 321 -24.41 16.96 -5.86
C LEU B 321 -25.51 17.26 -6.88
N GLY B 322 -26.16 16.20 -7.37
CA GLY B 322 -27.31 16.29 -8.30
C GLY B 322 -26.92 16.34 -9.78
N ASP B 323 -25.63 16.36 -10.10
CA ASP B 323 -25.16 16.40 -11.51
C ASP B 323 -25.18 14.97 -12.10
N ALA B 324 -25.84 14.81 -13.24
CA ALA B 324 -25.81 13.60 -14.08
C ALA B 324 -24.83 13.78 -15.24
N VAL B 325 -23.83 12.89 -15.33
CA VAL B 325 -22.80 12.86 -16.39
C VAL B 325 -23.15 11.76 -17.38
N PHE B 326 -23.38 12.16 -18.65
CA PHE B 326 -23.65 11.21 -19.77
C PHE B 326 -22.34 10.86 -20.45
N ILE B 327 -22.04 9.57 -20.52
CA ILE B 327 -20.74 9.04 -21.04
C ILE B 327 -20.99 8.20 -22.29
N PRO B 328 -20.50 8.62 -23.49
CA PRO B 328 -20.66 7.81 -24.72
C PRO B 328 -19.95 6.45 -24.63
N ALA B 329 -20.60 5.40 -25.16
CA ALA B 329 -20.00 4.05 -25.34
C ALA B 329 -18.57 4.25 -25.93
N GLY B 330 -17.57 3.68 -25.27
CA GLY B 330 -16.21 3.63 -25.83
C GLY B 330 -15.39 4.86 -25.46
N ALA B 331 -15.95 5.86 -24.78
CA ALA B 331 -15.20 7.07 -24.35
C ALA B 331 -14.36 6.65 -23.13
N PRO B 332 -13.02 6.67 -23.21
CA PRO B 332 -12.19 6.37 -22.03
C PRO B 332 -12.38 7.42 -20.93
N HIS B 333 -12.44 7.00 -19.68
CA HIS B 333 -12.66 7.94 -18.57
C HIS B 333 -12.10 7.39 -17.25
N GLN B 334 -11.79 8.34 -16.36
CA GLN B 334 -11.23 8.11 -15.00
C GLN B 334 -11.97 9.04 -14.04
N VAL B 335 -12.07 8.67 -12.75
CA VAL B 335 -12.74 9.48 -11.70
C VAL B 335 -11.82 9.60 -10.47
N HIS B 336 -11.78 10.80 -9.88
CA HIS B 336 -11.02 11.11 -8.65
C HIS B 336 -11.97 11.77 -7.66
N ASN B 337 -12.41 11.05 -6.60
CA ASN B 337 -13.33 11.61 -5.59
C ASN B 337 -12.60 12.70 -4.78
N LEU B 338 -13.19 13.90 -4.72
CA LEU B 338 -12.71 15.06 -3.92
C LEU B 338 -13.20 14.96 -2.48
N TYR B 339 -14.44 14.48 -2.29
CA TYR B 339 -15.06 14.19 -0.98
C TYR B 339 -15.70 12.78 -1.07
N SER B 340 -16.25 12.25 0.02
CA SER B 340 -16.97 10.96 -0.03
C SER B 340 -18.21 11.14 -0.93
N CYS B 341 -18.46 10.18 -1.82
CA CYS B 341 -19.57 10.25 -2.83
C CYS B 341 -20.41 8.97 -2.89
N ILE B 342 -21.74 9.14 -3.00
CA ILE B 342 -22.67 8.07 -3.44
C ILE B 342 -23.09 8.42 -4.89
N LYS B 343 -22.73 7.58 -5.85
CA LYS B 343 -23.14 7.75 -7.27
C LYS B 343 -24.03 6.56 -7.65
N VAL B 344 -25.01 6.76 -8.57
CA VAL B 344 -25.81 5.65 -9.13
C VAL B 344 -25.79 5.80 -10.64
N ALA B 345 -25.43 4.75 -11.35
CA ALA B 345 -25.29 4.73 -12.84
C ALA B 345 -26.24 3.73 -13.49
N GLU B 346 -26.78 4.08 -14.67
CA GLU B 346 -27.65 3.19 -15.51
C GLU B 346 -27.04 3.12 -16.92
N ASP B 347 -26.81 1.91 -17.44
CA ASP B 347 -26.35 1.69 -18.84
C ASP B 347 -27.57 1.77 -19.77
N PHE B 348 -27.39 2.22 -21.00
CA PHE B 348 -28.44 2.28 -22.04
C PHE B 348 -27.79 2.16 -23.43
N VAL B 349 -28.64 2.07 -24.49
CA VAL B 349 -28.09 2.00 -25.88
C VAL B 349 -28.83 2.99 -26.78
N SER B 350 -28.17 4.10 -27.14
CA SER B 350 -28.74 5.12 -28.06
C SER B 350 -28.57 4.70 -29.52
N PRO B 351 -29.51 5.08 -30.41
CA PRO B 351 -29.34 4.86 -31.84
C PRO B 351 -28.05 5.47 -32.40
N GLU B 352 -27.68 6.63 -31.88
CA GLU B 352 -26.51 7.42 -32.35
C GLU B 352 -25.26 6.55 -32.23
N HIS B 353 -25.19 5.67 -31.21
CA HIS B 353 -23.96 4.95 -30.86
C HIS B 353 -24.09 3.42 -31.07
N VAL B 354 -25.12 2.93 -31.76
CA VAL B 354 -25.37 1.47 -31.87
C VAL B 354 -24.23 0.77 -32.64
N LYS B 355 -23.67 1.39 -33.67
CA LYS B 355 -22.51 0.80 -34.40
C LYS B 355 -21.32 0.61 -33.45
N HIS B 356 -20.98 1.63 -32.67
CA HIS B 356 -19.92 1.58 -31.64
C HIS B 356 -20.19 0.41 -30.69
N CYS B 357 -21.42 0.29 -30.15
CA CYS B 357 -21.82 -0.74 -29.17
C CYS B 357 -21.53 -2.16 -29.74
N PHE B 358 -21.79 -2.40 -31.01
CA PHE B 358 -21.53 -3.72 -31.66
C PHE B 358 -20.02 -4.02 -31.68
N ARG B 359 -19.23 -3.03 -32.11
CA ARG B 359 -17.75 -3.19 -32.27
C ARG B 359 -17.10 -3.34 -30.89
N LEU B 360 -17.55 -2.57 -29.90
CA LEU B 360 -16.99 -2.67 -28.51
C LEU B 360 -17.32 -4.03 -27.88
N THR B 361 -18.53 -4.55 -28.13
CA THR B 361 -18.96 -5.85 -27.61
C THR B 361 -18.07 -6.95 -28.24
N GLN B 362 -17.85 -6.86 -29.55
CA GLN B 362 -16.96 -7.80 -30.31
C GLN B 362 -15.56 -7.78 -29.64
N GLU B 363 -15.00 -6.60 -29.41
CA GLU B 363 -13.61 -6.45 -28.90
C GLU B 363 -13.57 -6.96 -27.45
N PHE B 364 -14.62 -6.73 -26.65
CA PHE B 364 -14.69 -7.21 -25.26
C PHE B 364 -14.58 -8.74 -25.27
N ARG B 365 -15.38 -9.43 -26.09
CA ARG B 365 -15.36 -10.92 -26.22
C ARG B 365 -13.96 -11.40 -26.63
N HIS B 366 -13.31 -10.75 -27.60
CA HIS B 366 -11.94 -11.11 -28.07
C HIS B 366 -10.92 -11.00 -26.92
N LEU B 367 -10.93 -9.88 -26.19
CA LEU B 367 -10.02 -9.61 -25.05
C LEU B 367 -10.33 -10.56 -23.90
N SER B 368 -11.52 -11.18 -23.88
CA SER B 368 -11.94 -12.15 -22.84
C SER B 368 -11.09 -13.42 -22.92
N ASN B 369 -10.97 -14.03 -24.11
CA ASN B 369 -10.33 -15.36 -24.33
C ASN B 369 -9.35 -15.25 -25.50
#